data_1R0W
#
_entry.id   1R0W
#
_cell.length_a   172.247
_cell.length_b   172.247
_cell.length_c   110.233
_cell.angle_alpha   90.00
_cell.angle_beta   90.00
_cell.angle_gamma   90.00
#
_symmetry.space_group_name_H-M   'P 4 21 2'
#
loop_
_entity.id
_entity.type
_entity.pdbx_description
1 polymer 'Cystic fibrosis transmembrane conductance regulator'
2 non-polymer 'ACETIC ACID'
3 water water
#
_entity_poly.entity_id   1
_entity_poly.type   'polypeptide(L)'
_entity_poly.pdbx_seq_one_letter_code
;STTGIIMENVTAFWEEGFGELLEKVQQSNGDRKHSSDENNVSFSHLCLVGNPVLKNINLNIEKGEMLAITGSTGSGKTSL
LMLILGELEASEGIIKHSGRVSFCSQFSWIMPGTIKENIIFGVSYDEYRYKSVVKACQLQQDITKFAEQDNTVLGEGGVT
LSGGQRARISLARAVYKDADLYLLDSPFGYLDVFTEEQVFESCVCKLMANKTRILVTSKMEHLRKADKILILHQGSSYFY
GTFSELQSLRPDFSSKLMGYDTFDQFTEERRSSILTETLRRFSVDD
;
_entity_poly.pdbx_strand_id   A,B,C,D
#
loop_
_chem_comp.id
_chem_comp.type
_chem_comp.name
_chem_comp.formula
ACY non-polymer 'ACETIC ACID' 'C2 H4 O2'
#
# COMPACT_ATOMS: atom_id res chain seq x y z
N THR A 3 23.24 21.24 -4.92
CA THR A 3 24.20 20.98 -6.05
C THR A 3 24.59 22.29 -6.70
N GLY A 4 25.76 22.35 -7.32
CA GLY A 4 26.10 23.48 -8.17
C GLY A 4 25.51 23.20 -9.54
N ILE A 5 25.49 24.20 -10.40
CA ILE A 5 25.22 23.94 -11.81
C ILE A 5 26.15 24.76 -12.69
N ILE A 6 26.74 24.08 -13.68
CA ILE A 6 27.66 24.72 -14.62
C ILE A 6 27.22 24.46 -16.01
N MET A 7 27.18 25.52 -16.81
CA MET A 7 27.13 25.42 -18.27
C MET A 7 28.32 26.13 -18.90
N GLU A 8 28.97 25.46 -19.84
CA GLU A 8 30.17 25.99 -20.45
C GLU A 8 29.96 25.99 -21.95
N ASN A 9 29.85 27.19 -22.52
CA ASN A 9 29.60 27.39 -23.94
C ASN A 9 28.59 26.41 -24.54
N VAL A 10 27.38 26.42 -23.98
CA VAL A 10 26.31 25.53 -24.39
C VAL A 10 25.44 26.13 -25.49
N THR A 11 25.18 25.31 -26.53
CA THR A 11 24.27 25.64 -27.61
C THR A 11 23.27 24.49 -27.81
N ALA A 12 22.02 24.81 -28.10
CA ALA A 12 20.99 23.79 -28.32
C ALA A 12 20.12 24.23 -29.48
N PHE A 13 19.78 23.29 -30.38
CA PHE A 13 18.96 23.63 -31.55
C PHE A 13 17.50 23.19 -31.39
N TRP A 14 16.61 23.83 -32.14
CA TRP A 14 15.25 23.36 -32.25
C TRP A 14 15.25 21.89 -32.69
N GLU A 15 14.53 21.07 -31.94
CA GLU A 15 14.30 19.68 -32.35
C GLU A 15 12.81 19.44 -32.39
N GLU A 16 12.42 18.42 -33.15
CA GLU A 16 11.03 18.09 -33.38
C GLU A 16 10.34 17.85 -32.04
N GLY A 17 9.14 18.40 -31.89
CA GLY A 17 8.41 18.26 -30.65
C GLY A 17 8.80 19.24 -29.54
N PHE A 18 9.89 20.01 -29.71
CA PHE A 18 10.24 20.96 -28.65
C PHE A 18 9.19 22.05 -28.50
N GLY A 19 8.75 22.60 -29.63
CA GLY A 19 7.73 23.62 -29.65
C GLY A 19 6.45 23.28 -28.90
N GLU A 20 5.96 22.04 -29.04
CA GLU A 20 4.76 21.63 -28.31
C GLU A 20 4.95 21.57 -26.80
N LEU A 21 6.11 21.10 -26.36
CA LEU A 21 6.46 21.13 -24.94
C LEU A 21 6.44 22.56 -24.38
N LEU A 22 7.12 23.50 -25.06
CA LEU A 22 7.12 24.90 -24.65
C LEU A 22 5.70 25.45 -24.46
N GLU A 23 4.80 25.11 -25.37
CA GLU A 23 3.41 25.57 -25.25
C GLU A 23 2.78 25.02 -23.98
N LYS A 24 2.98 23.74 -23.76
CA LYS A 24 2.38 23.12 -22.61
C LYS A 24 2.85 23.82 -21.36
N VAL A 25 4.06 24.33 -21.40
CA VAL A 25 4.69 24.73 -20.17
C VAL A 25 4.67 26.26 -19.89
N GLN A 26 4.57 27.03 -20.98
CA GLN A 26 4.46 28.50 -20.94
C GLN A 26 3.01 28.93 -21.00
N SER A 42 6.03 28.40 -37.26
CA SER A 42 6.06 26.94 -37.41
C SER A 42 7.30 26.36 -36.76
N PHE A 43 7.12 25.26 -36.02
CA PHE A 43 8.25 24.63 -35.31
C PHE A 43 9.09 23.80 -36.27
N SER A 44 8.44 23.15 -37.23
CA SER A 44 9.16 22.31 -38.19
C SER A 44 10.19 23.09 -38.98
N HIS A 45 9.84 24.32 -39.39
CA HIS A 45 10.80 25.20 -40.08
C HIS A 45 12.02 25.60 -39.21
N LEU A 46 11.82 25.68 -37.91
CA LEU A 46 12.93 25.98 -37.03
C LEU A 46 13.85 24.75 -36.93
N CYS A 47 13.23 23.58 -36.96
CA CYS A 47 13.91 22.28 -36.87
C CYS A 47 14.66 21.96 -38.15
N LEU A 48 14.04 22.25 -39.28
CA LEU A 48 14.63 21.95 -40.58
C LEU A 48 15.83 22.84 -40.90
N VAL A 49 15.73 24.13 -40.55
CA VAL A 49 16.76 25.13 -40.74
C VAL A 49 17.86 25.05 -39.66
N GLY A 50 17.65 24.19 -38.65
CA GLY A 50 18.67 23.93 -37.64
C GLY A 50 19.07 25.14 -36.80
N ASN A 51 18.08 25.93 -36.38
CA ASN A 51 18.31 27.13 -35.59
C ASN A 51 18.59 26.87 -34.11
N PRO A 52 19.41 27.72 -33.49
CA PRO A 52 19.69 27.60 -32.06
C PRO A 52 18.49 28.11 -31.27
N VAL A 53 18.11 27.36 -30.24
CA VAL A 53 17.15 27.90 -29.26
C VAL A 53 17.95 28.74 -28.28
N LEU A 54 19.17 28.28 -27.98
CA LEU A 54 20.12 29.03 -27.16
C LEU A 54 21.53 28.89 -27.75
N LYS A 55 22.31 29.96 -27.64
CA LYS A 55 23.55 30.06 -28.38
C LYS A 55 24.59 30.58 -27.41
N ASN A 56 25.63 29.77 -27.22
CA ASN A 56 26.78 30.16 -26.41
C ASN A 56 26.52 30.49 -24.93
N ILE A 57 25.73 29.68 -24.22
CA ILE A 57 25.38 29.98 -22.80
C ILE A 57 26.47 29.54 -21.83
N ASN A 58 26.78 30.41 -20.89
CA ASN A 58 27.77 30.09 -19.84
C ASN A 58 27.18 30.52 -18.52
N LEU A 59 27.26 29.65 -17.52
CA LEU A 59 26.91 30.01 -16.16
C LEU A 59 27.64 29.09 -15.21
N ASN A 60 27.79 29.53 -13.96
CA ASN A 60 28.49 28.76 -12.94
C ASN A 60 27.89 29.09 -11.56
N ILE A 61 27.02 28.23 -11.06
CA ILE A 61 26.25 28.56 -9.87
C ILE A 61 26.71 27.64 -8.79
N GLU A 62 27.20 28.18 -7.66
CA GLU A 62 27.65 27.35 -6.53
C GLU A 62 26.46 26.76 -5.81
N LYS A 63 26.70 25.67 -5.11
CA LYS A 63 25.74 25.08 -4.19
C LYS A 63 25.09 26.15 -3.35
N GLY A 64 23.75 26.20 -3.36
CA GLY A 64 23.09 27.14 -2.47
C GLY A 64 22.92 28.54 -2.98
N GLU A 65 23.49 28.88 -4.12
CA GLU A 65 23.21 30.19 -4.72
C GLU A 65 21.85 30.29 -5.42
N MET A 66 21.37 31.51 -5.62
CA MET A 66 20.18 31.82 -6.45
C MET A 66 20.68 32.52 -7.70
N LEU A 67 20.30 31.96 -8.86
CA LEU A 67 20.47 32.60 -10.15
C LEU A 67 19.12 33.19 -10.55
N ALA A 68 19.11 34.48 -10.91
CA ALA A 68 17.92 35.12 -11.43
C ALA A 68 18.07 35.23 -12.96
N ILE A 69 17.08 34.75 -13.69
CA ILE A 69 17.10 34.79 -15.14
C ILE A 69 16.00 35.74 -15.55
N THR A 70 16.35 36.75 -16.35
CA THR A 70 15.35 37.57 -17.03
C THR A 70 15.72 37.78 -18.51
N GLY A 71 14.93 38.59 -19.22
CA GLY A 71 15.22 38.93 -20.61
C GLY A 71 13.95 39.33 -21.31
N SER A 72 13.96 39.38 -22.64
CA SER A 72 12.77 39.82 -23.40
C SER A 72 11.76 38.69 -23.45
N THR A 73 10.55 38.95 -23.90
CA THR A 73 9.64 37.84 -24.02
C THR A 73 10.06 36.88 -25.11
N GLY A 74 9.84 35.59 -24.88
CA GLY A 74 10.29 34.54 -25.78
C GLY A 74 11.78 34.48 -26.10
N SER A 75 12.62 34.98 -25.19
CA SER A 75 14.07 34.98 -25.37
C SER A 75 14.82 33.67 -25.10
N GLY A 76 14.14 32.61 -24.62
CA GLY A 76 14.79 31.33 -24.35
C GLY A 76 14.91 31.00 -22.86
N LYS A 77 14.15 31.73 -22.04
CA LYS A 77 14.21 31.55 -20.59
C LYS A 77 13.74 30.17 -20.16
N THR A 78 12.56 29.79 -20.63
CA THR A 78 11.99 28.46 -20.35
C THR A 78 12.84 27.35 -20.93
N SER A 79 13.33 27.54 -22.15
CA SER A 79 14.14 26.50 -22.81
C SER A 79 15.38 26.20 -22.02
N LEU A 80 15.98 27.24 -21.41
CA LEU A 80 17.15 27.01 -20.56
C LEU A 80 16.82 26.01 -19.42
N LEU A 81 15.68 26.19 -18.77
CA LEU A 81 15.21 25.24 -17.76
C LEU A 81 14.99 23.83 -18.36
N MET A 82 14.49 23.77 -19.60
CA MET A 82 14.28 22.46 -20.29
C MET A 82 15.55 21.65 -20.50
N LEU A 83 16.66 22.34 -20.76
CA LEU A 83 18.00 21.75 -20.84
C LEU A 83 18.39 21.09 -19.53
N ILE A 84 18.21 21.83 -18.45
CA ILE A 84 18.45 21.31 -17.11
C ILE A 84 17.58 20.08 -16.85
N LEU A 85 16.33 20.14 -17.28
CA LEU A 85 15.41 19.03 -17.09
C LEU A 85 15.74 17.85 -17.98
N GLY A 86 16.50 18.10 -19.05
CA GLY A 86 16.83 17.05 -20.00
C GLY A 86 15.80 16.87 -21.12
N GLU A 87 14.92 17.86 -21.29
CA GLU A 87 13.86 17.82 -22.32
C GLU A 87 14.32 18.49 -23.61
N LEU A 88 15.45 19.17 -23.52
CA LEU A 88 16.09 19.79 -24.65
C LEU A 88 17.54 19.36 -24.54
N GLU A 89 18.13 19.02 -25.68
CA GLU A 89 19.44 18.39 -25.69
C GLU A 89 20.47 19.43 -26.09
N ALA A 90 21.67 19.33 -25.54
CA ALA A 90 22.73 20.29 -25.83
C ALA A 90 23.64 19.78 -26.95
N SER A 91 23.61 20.42 -28.12
CA SER A 91 24.41 19.96 -29.26
C SER A 91 25.90 20.16 -29.06
N GLU A 92 26.24 21.31 -28.47
CA GLU A 92 27.60 21.66 -28.08
C GLU A 92 27.68 21.98 -26.58
N GLY A 93 28.87 21.80 -26.01
CA GLY A 93 29.16 22.35 -24.71
C GLY A 93 28.83 21.43 -23.56
N ILE A 94 29.32 21.80 -22.38
CA ILE A 94 29.17 21.02 -21.16
C ILE A 94 28.13 21.62 -20.19
N ILE A 95 27.24 20.75 -19.70
CA ILE A 95 26.38 21.07 -18.57
C ILE A 95 26.61 20.08 -17.42
N LYS A 96 26.84 20.61 -16.22
CA LYS A 96 27.08 19.79 -15.03
C LYS A 96 26.15 20.16 -13.88
N HIS A 97 25.39 19.18 -13.38
CA HIS A 97 24.54 19.28 -12.21
C HIS A 97 24.09 17.90 -11.77
N SER A 98 23.91 17.73 -10.47
CA SER A 98 23.71 16.39 -9.92
C SER A 98 22.54 16.40 -8.98
N GLY A 99 21.90 15.25 -8.85
CA GLY A 99 20.81 15.10 -7.91
C GLY A 99 19.42 15.36 -8.46
N ARG A 100 18.45 15.41 -7.53
CA ARG A 100 17.07 15.59 -7.90
C ARG A 100 16.86 17.04 -8.32
N VAL A 101 16.04 17.23 -9.35
CA VAL A 101 15.55 18.57 -9.62
C VAL A 101 14.03 18.71 -9.45
N SER A 102 13.63 19.87 -8.92
CA SER A 102 12.23 20.16 -8.76
C SER A 102 11.86 21.37 -9.62
N PHE A 103 10.82 21.24 -10.45
CA PHE A 103 10.45 22.22 -11.49
C PHE A 103 9.07 22.75 -11.17
N CYS A 104 8.96 24.06 -11.01
CA CYS A 104 7.66 24.73 -10.91
C CYS A 104 7.36 25.43 -12.24
N SER A 105 6.47 24.88 -13.09
CA SER A 105 6.16 25.56 -14.38
C SER A 105 5.43 26.89 -14.21
N GLN A 106 5.53 27.71 -15.25
CA GLN A 106 4.72 28.89 -15.37
C GLN A 106 3.27 28.47 -15.36
N PHE A 107 2.92 27.34 -16.00
CA PHE A 107 1.56 26.86 -15.92
C PHE A 107 1.31 26.26 -14.53
N SER A 108 0.28 26.75 -13.81
CA SER A 108 -0.05 26.23 -12.43
C SER A 108 -1.09 25.13 -12.45
N TRP A 109 -0.62 23.91 -12.45
CA TRP A 109 -1.50 22.79 -12.58
C TRP A 109 -1.98 22.34 -11.24
N ILE A 110 -3.21 21.84 -11.23
CA ILE A 110 -3.96 21.52 -10.02
C ILE A 110 -4.64 20.20 -10.27
N MET A 111 -4.42 19.21 -9.41
CA MET A 111 -5.08 17.94 -9.58
C MET A 111 -6.34 17.84 -8.69
N PRO A 112 -7.31 16.98 -9.07
CA PRO A 112 -8.45 16.68 -8.23
C PRO A 112 -8.00 16.29 -6.83
N GLY A 113 -8.57 16.91 -5.79
CA GLY A 113 -8.23 16.54 -4.41
C GLY A 113 -8.08 17.81 -3.57
N THR A 114 -7.74 17.68 -2.30
CA THR A 114 -7.70 18.86 -1.45
C THR A 114 -6.45 19.68 -1.74
N ILE A 115 -6.44 20.90 -1.20
CA ILE A 115 -5.29 21.76 -1.29
C ILE A 115 -4.07 21.04 -0.72
N LYS A 116 -4.22 20.45 0.45
CA LYS A 116 -3.10 19.75 1.08
C LYS A 116 -2.57 18.58 0.18
N GLU A 117 -3.47 17.75 -0.31
CA GLU A 117 -3.14 16.66 -1.27
C GLU A 117 -2.38 17.18 -2.47
N ASN A 118 -2.80 18.35 -3.00
CA ASN A 118 -2.05 18.98 -4.10
C ASN A 118 -0.63 19.33 -3.73
N ILE A 119 -0.41 19.84 -2.51
CA ILE A 119 0.96 20.27 -2.11
C ILE A 119 1.89 19.07 -1.84
N ILE A 120 1.34 17.99 -1.28
CA ILE A 120 2.15 16.75 -1.10
C ILE A 120 1.94 15.67 -2.19
N PHE A 121 1.54 16.05 -3.39
CA PHE A 121 1.20 15.12 -4.45
C PHE A 121 2.36 14.14 -4.82
N GLY A 122 2.08 12.83 -4.67
CA GLY A 122 3.05 11.77 -4.90
C GLY A 122 4.22 11.69 -3.91
N VAL A 123 4.13 12.40 -2.80
CA VAL A 123 5.25 12.43 -1.84
C VAL A 123 4.63 12.22 -0.48
N SER A 124 5.42 11.98 0.56
CA SER A 124 4.80 11.63 1.84
C SER A 124 4.63 12.84 2.74
N TYR A 125 3.49 12.90 3.44
CA TYR A 125 3.25 13.92 4.44
C TYR A 125 4.26 13.87 5.55
N ASP A 126 4.82 15.05 5.85
CA ASP A 126 5.60 15.31 7.06
C ASP A 126 5.19 16.65 7.66
N GLU A 127 4.71 16.64 8.92
CA GLU A 127 4.13 17.83 9.56
C GLU A 127 5.04 19.05 9.63
N TYR A 128 6.22 18.95 10.22
CA TYR A 128 7.00 20.19 10.32
C TYR A 128 7.25 20.72 8.90
N ARG A 129 7.53 19.84 7.95
CA ARG A 129 7.93 20.28 6.62
C ARG A 129 6.74 20.97 5.93
N TYR A 130 5.57 20.36 6.00
CA TYR A 130 4.35 20.85 5.38
C TYR A 130 3.99 22.25 5.88
N LYS A 131 3.93 22.39 7.21
CA LYS A 131 3.47 23.65 7.83
C LYS A 131 4.45 24.76 7.51
N SER A 132 5.70 24.37 7.38
CA SER A 132 6.71 25.36 7.11
C SER A 132 6.66 25.86 5.64
N VAL A 133 6.33 24.96 4.72
CA VAL A 133 6.19 25.38 3.32
C VAL A 133 4.91 26.22 3.13
N VAL A 134 3.81 25.78 3.72
CA VAL A 134 2.56 26.52 3.68
C VAL A 134 2.72 27.99 4.14
N LYS A 135 3.46 28.18 5.23
CA LYS A 135 3.58 29.48 5.85
C LYS A 135 4.43 30.39 4.97
N ALA A 136 5.57 29.88 4.53
CA ALA A 136 6.53 30.63 3.70
C ALA A 136 5.99 30.97 2.30
N CYS A 137 5.10 30.13 1.76
CA CYS A 137 4.47 30.42 0.47
C CYS A 137 3.21 31.32 0.68
N GLN A 138 2.96 31.79 1.92
CA GLN A 138 1.85 32.73 2.21
C GLN A 138 0.48 32.10 1.93
N LEU A 139 0.36 30.81 2.25
CA LEU A 139 -0.87 30.09 1.92
C LEU A 139 -1.86 30.22 3.04
N GLN A 140 -1.35 30.67 4.19
CA GLN A 140 -2.18 30.70 5.38
C GLN A 140 -3.29 31.72 5.23
N GLN A 141 -2.99 32.88 4.64
CA GLN A 141 -3.98 33.93 4.32
C GLN A 141 -5.05 33.42 3.33
N ASP A 142 -4.70 32.47 2.47
CA ASP A 142 -5.72 31.91 1.57
C ASP A 142 -6.62 30.91 2.29
N ILE A 143 -6.03 29.94 2.99
CA ILE A 143 -6.83 28.80 3.39
C ILE A 143 -7.77 29.19 4.49
N THR A 144 -7.44 30.31 5.12
CA THR A 144 -8.21 30.75 6.23
C THR A 144 -9.55 31.35 5.77
N LYS A 145 -9.67 31.65 4.50
CA LYS A 145 -10.94 32.07 3.93
C LYS A 145 -11.92 30.93 3.65
N PHE A 146 -11.49 29.70 3.85
CA PHE A 146 -12.33 28.55 3.51
C PHE A 146 -12.81 27.82 4.74
N ALA A 147 -14.06 27.31 4.73
CA ALA A 147 -14.58 26.55 5.87
C ALA A 147 -13.69 25.34 6.28
N GLU A 148 -13.12 24.62 5.30
CA GLU A 148 -12.27 23.44 5.61
C GLU A 148 -10.77 23.70 5.44
N GLN A 149 -10.42 24.97 5.26
CA GLN A 149 -9.05 25.40 5.09
C GLN A 149 -8.33 24.53 4.08
N ASP A 150 -7.21 23.90 4.44
CA ASP A 150 -6.46 23.12 3.45
C ASP A 150 -7.05 21.72 3.15
N ASN A 151 -8.17 21.37 3.79
CA ASN A 151 -8.94 20.23 3.39
C ASN A 151 -10.00 20.56 2.33
N THR A 152 -10.00 21.81 1.87
CA THR A 152 -10.95 22.22 0.86
C THR A 152 -10.63 21.42 -0.42
N VAL A 153 -11.68 20.91 -1.07
CA VAL A 153 -11.56 20.14 -2.33
C VAL A 153 -11.49 21.03 -3.60
N LEU A 154 -10.46 20.79 -4.41
CA LEU A 154 -10.30 21.42 -5.71
C LEU A 154 -10.64 20.44 -6.83
N GLY A 155 -11.27 20.92 -7.88
CA GLY A 155 -11.37 20.15 -9.11
C GLY A 155 -10.09 20.40 -9.89
N GLU A 156 -9.83 19.57 -10.89
CA GLU A 156 -8.71 19.73 -11.80
C GLU A 156 -8.64 21.14 -12.42
N GLY A 157 -7.44 21.71 -12.55
CA GLY A 157 -7.35 23.11 -12.96
C GLY A 157 -7.64 24.15 -11.84
N GLY A 158 -8.32 23.79 -10.74
CA GLY A 158 -8.57 24.78 -9.67
C GLY A 158 -9.12 26.11 -10.21
N VAL A 159 -10.16 25.97 -11.02
CA VAL A 159 -10.64 26.99 -11.94
C VAL A 159 -11.28 28.22 -11.22
N THR A 160 -11.89 28.06 -10.04
CA THR A 160 -12.46 29.23 -9.36
C THR A 160 -11.52 30.04 -8.44
N LEU A 161 -10.30 29.57 -8.24
CA LEU A 161 -9.22 30.29 -7.56
C LEU A 161 -8.69 31.47 -8.45
N SER A 162 -7.98 32.42 -7.84
CA SER A 162 -7.23 33.42 -8.62
C SER A 162 -5.93 32.84 -9.19
N GLY A 163 -5.30 33.52 -10.15
CA GLY A 163 -4.04 33.03 -10.67
C GLY A 163 -2.96 32.96 -9.56
N GLY A 164 -2.99 33.91 -8.63
CA GLY A 164 -1.98 33.95 -7.59
C GLY A 164 -2.16 32.83 -6.60
N GLN A 165 -3.39 32.51 -6.24
CA GLN A 165 -3.68 31.35 -5.40
C GLN A 165 -3.23 30.04 -6.08
N ARG A 166 -3.52 29.85 -7.38
CA ARG A 166 -3.03 28.64 -8.07
C ARG A 166 -1.51 28.59 -8.07
N ALA A 167 -0.86 29.73 -8.32
CA ALA A 167 0.60 29.72 -8.42
C ALA A 167 1.26 29.42 -7.04
N ARG A 168 0.65 29.91 -5.96
CA ARG A 168 1.19 29.65 -4.62
C ARG A 168 1.06 28.17 -4.25
N ILE A 169 -0.05 27.50 -4.58
CA ILE A 169 -0.18 26.06 -4.27
C ILE A 169 0.83 25.29 -5.11
N SER A 170 0.94 25.69 -6.35
CA SER A 170 1.82 25.02 -7.28
C SER A 170 3.30 25.25 -6.94
N LEU A 171 3.64 26.47 -6.54
CA LEU A 171 4.99 26.68 -5.97
C LEU A 171 5.22 25.89 -4.65
N ALA A 172 4.24 25.89 -3.75
CA ALA A 172 4.37 25.10 -2.51
C ALA A 172 4.65 23.61 -2.81
N ARG A 173 4.01 23.05 -3.83
CA ARG A 173 4.27 21.68 -4.25
C ARG A 173 5.71 21.48 -4.71
N ALA A 174 6.22 22.37 -5.56
CA ALA A 174 7.58 22.25 -6.05
C ALA A 174 8.66 22.41 -4.94
N VAL A 175 8.36 23.24 -3.95
CA VAL A 175 9.30 23.61 -2.88
C VAL A 175 9.29 22.51 -1.79
N TYR A 176 8.12 21.87 -1.58
CA TYR A 176 7.96 20.77 -0.62
C TYR A 176 8.72 19.53 -1.05
N LYS A 177 8.80 19.34 -2.36
CA LYS A 177 9.69 18.36 -2.97
C LYS A 177 11.12 18.52 -2.44
N ASP A 178 11.74 17.41 -2.07
CA ASP A 178 13.10 17.44 -1.56
C ASP A 178 14.06 17.26 -2.74
N ALA A 179 14.80 18.30 -3.08
CA ALA A 179 15.56 18.30 -4.33
C ALA A 179 16.89 18.98 -4.10
N ASP A 180 17.86 18.73 -4.95
CA ASP A 180 19.10 19.51 -4.88
C ASP A 180 19.05 20.81 -5.67
N LEU A 181 18.11 20.96 -6.63
CA LEU A 181 18.05 22.13 -7.52
C LEU A 181 16.59 22.48 -7.79
N TYR A 182 16.22 23.74 -7.65
CA TYR A 182 14.84 24.16 -7.86
C TYR A 182 14.73 25.11 -9.03
N LEU A 183 13.85 24.77 -9.99
CA LEU A 183 13.63 25.64 -11.13
C LEU A 183 12.24 26.23 -11.01
N LEU A 184 12.21 27.55 -10.89
CA LEU A 184 10.98 28.26 -10.65
C LEU A 184 10.68 29.22 -11.80
N ASP A 185 9.75 28.84 -12.67
CA ASP A 185 9.55 29.58 -13.92
C ASP A 185 8.47 30.64 -13.73
N SER A 186 8.87 31.89 -13.54
CA SER A 186 7.94 33.06 -13.50
C SER A 186 6.72 32.96 -12.59
N PRO A 187 6.90 32.50 -11.35
CA PRO A 187 5.74 32.49 -10.45
C PRO A 187 5.21 33.88 -10.07
N PHE A 188 6.04 34.93 -10.17
CA PHE A 188 5.64 36.25 -9.62
C PHE A 188 5.12 37.18 -10.75
N GLY A 189 3.94 36.85 -11.25
CA GLY A 189 3.39 37.47 -12.46
C GLY A 189 1.98 38.02 -12.33
N TYR A 190 1.42 38.10 -11.12
CA TYR A 190 -0.02 38.39 -11.02
C TYR A 190 -0.25 39.74 -10.41
N LEU A 191 -1.52 40.11 -10.20
CA LEU A 191 -1.88 41.43 -9.71
C LEU A 191 -1.67 41.66 -8.21
N ASP A 192 -1.72 40.58 -7.40
CA ASP A 192 -1.57 40.69 -5.93
C ASP A 192 -0.08 40.78 -5.55
N VAL A 193 0.45 41.96 -5.77
CA VAL A 193 1.89 42.18 -5.91
C VAL A 193 2.58 42.30 -4.54
N PHE A 194 1.83 42.71 -3.51
CA PHE A 194 2.38 42.77 -2.12
C PHE A 194 2.52 41.37 -1.58
N THR A 195 1.54 40.49 -1.84
CA THR A 195 1.70 39.07 -1.51
C THR A 195 2.96 38.50 -2.16
N GLU A 196 3.12 38.67 -3.47
CA GLU A 196 4.30 38.17 -4.18
C GLU A 196 5.63 38.66 -3.59
N GLU A 197 5.66 39.90 -3.09
CA GLU A 197 6.85 40.45 -2.47
C GLU A 197 7.13 39.67 -1.19
N GLN A 198 6.07 39.36 -0.43
CA GLN A 198 6.20 38.55 0.78
C GLN A 198 6.63 37.11 0.45
N VAL A 199 6.23 36.57 -0.71
CA VAL A 199 6.59 35.16 -1.05
C VAL A 199 8.02 35.12 -1.44
N PHE A 200 8.42 36.09 -2.28
CA PHE A 200 9.83 36.17 -2.64
C PHE A 200 10.72 36.15 -1.38
N GLU A 201 10.38 36.99 -0.40
CA GLU A 201 11.19 37.12 0.84
C GLU A 201 11.14 35.86 1.69
N SER A 202 9.96 35.44 2.13
CA SER A 202 9.85 34.24 2.97
C SER A 202 10.23 32.89 2.38
N CYS A 203 9.82 32.66 1.14
CA CYS A 203 10.10 31.36 0.51
C CYS A 203 11.45 31.37 -0.22
N VAL A 204 11.62 32.20 -1.24
CA VAL A 204 12.84 32.15 -2.07
C VAL A 204 14.10 32.60 -1.32
N CYS A 205 14.00 33.70 -0.57
CA CYS A 205 15.12 34.25 0.18
C CYS A 205 15.45 33.57 1.54
N LYS A 206 14.45 33.14 2.32
CA LYS A 206 14.67 32.58 3.66
C LYS A 206 14.56 31.07 3.75
N LEU A 207 13.38 30.51 3.49
CA LEU A 207 13.22 29.07 3.58
C LEU A 207 14.20 28.36 2.64
N MET A 208 14.33 28.85 1.42
CA MET A 208 15.25 28.17 0.45
C MET A 208 16.64 28.81 0.34
N ALA A 209 17.04 29.59 1.35
CA ALA A 209 18.32 30.31 1.29
C ALA A 209 19.55 29.47 1.00
N ASN A 210 19.58 28.23 1.44
CA ASN A 210 20.70 27.33 1.12
C ASN A 210 20.35 26.22 0.13
N LYS A 211 19.27 26.38 -0.64
CA LYS A 211 18.99 25.45 -1.74
C LYS A 211 19.38 26.10 -3.03
N THR A 212 20.11 25.40 -3.92
CA THR A 212 20.45 26.01 -5.20
C THR A 212 19.16 26.26 -5.99
N ARG A 213 19.00 27.43 -6.59
CA ARG A 213 17.70 27.68 -7.18
C ARG A 213 17.81 28.63 -8.33
N ILE A 214 16.97 28.42 -9.34
CA ILE A 214 16.91 29.30 -10.47
C ILE A 214 15.54 29.89 -10.52
N LEU A 215 15.48 31.22 -10.60
CA LEU A 215 14.24 31.93 -10.62
C LEU A 215 14.12 32.76 -11.91
N VAL A 216 13.14 32.42 -12.75
CA VAL A 216 12.88 33.28 -13.91
C VAL A 216 11.97 34.40 -13.45
N THR A 217 12.31 35.63 -13.79
CA THR A 217 11.61 36.78 -13.20
C THR A 217 11.65 37.98 -14.13
N SER A 218 10.68 38.88 -13.95
CA SER A 218 10.78 40.22 -14.56
C SER A 218 10.73 41.34 -13.49
N LYS A 219 11.12 41.03 -12.25
CA LYS A 219 11.26 42.05 -11.18
C LYS A 219 12.73 42.37 -10.84
N MET A 220 13.07 43.66 -10.80
CA MET A 220 14.47 44.06 -10.54
C MET A 220 14.99 43.76 -9.12
N GLU A 221 14.14 43.78 -8.11
CA GLU A 221 14.52 43.31 -6.75
C GLU A 221 15.11 41.91 -6.72
N HIS A 222 14.65 41.06 -7.64
CA HIS A 222 15.14 39.68 -7.69
C HIS A 222 16.55 39.61 -8.26
N LEU A 223 16.81 40.48 -9.22
CA LEU A 223 18.16 40.64 -9.74
C LEU A 223 19.02 41.25 -8.61
N ARG A 224 18.48 42.23 -7.88
CA ARG A 224 19.27 42.87 -6.82
C ARG A 224 19.69 41.89 -5.69
N LYS A 225 18.82 40.93 -5.38
CA LYS A 225 19.06 40.00 -4.28
C LYS A 225 19.68 38.69 -4.74
N ALA A 226 19.88 38.55 -6.05
CA ALA A 226 20.38 37.30 -6.60
C ALA A 226 21.89 37.21 -6.36
N ASP A 227 22.42 35.99 -6.32
CA ASP A 227 23.85 35.79 -6.26
C ASP A 227 24.44 35.90 -7.65
N LYS A 228 23.73 35.39 -8.66
CA LYS A 228 24.07 35.57 -10.08
C LYS A 228 22.85 36.00 -10.96
N ILE A 229 23.13 36.66 -12.08
CA ILE A 229 22.10 37.16 -12.98
C ILE A 229 22.43 36.67 -14.39
N LEU A 230 21.41 36.19 -15.10
CA LEU A 230 21.48 35.93 -16.54
C LEU A 230 20.35 36.67 -17.23
N ILE A 231 20.71 37.45 -18.26
CA ILE A 231 19.75 38.17 -19.09
C ILE A 231 19.86 37.63 -20.54
N LEU A 232 18.73 37.19 -21.07
CA LEU A 232 18.70 36.53 -22.37
C LEU A 232 18.01 37.43 -23.37
N HIS A 233 18.47 37.40 -24.62
CA HIS A 233 17.77 38.14 -25.68
C HIS A 233 17.94 37.40 -27.00
N GLN A 234 16.83 37.05 -27.67
CA GLN A 234 16.92 36.42 -29.01
C GLN A 234 17.89 35.24 -28.92
N GLY A 235 17.65 34.35 -27.97
CA GLY A 235 18.44 33.13 -27.81
C GLY A 235 19.86 33.29 -27.33
N SER A 236 20.25 34.53 -27.04
CA SER A 236 21.63 34.83 -26.71
C SER A 236 21.71 35.38 -25.27
N SER A 237 22.91 35.21 -24.68
CA SER A 237 23.29 35.77 -23.39
C SER A 237 23.62 37.25 -23.53
N TYR A 238 22.74 38.11 -23.07
CA TYR A 238 23.01 39.53 -23.11
C TYR A 238 23.90 39.98 -21.95
N PHE A 239 23.91 39.21 -20.84
CA PHE A 239 24.70 39.51 -19.64
C PHE A 239 24.66 38.33 -18.69
N TYR A 240 25.82 37.98 -18.15
CA TYR A 240 25.90 37.05 -17.05
C TYR A 240 26.86 37.66 -16.02
N GLY A 241 26.52 37.64 -14.74
CA GLY A 241 27.41 38.17 -13.72
C GLY A 241 26.67 38.48 -12.44
N THR A 242 27.20 39.42 -11.64
CA THR A 242 26.52 39.83 -10.41
C THR A 242 25.74 41.10 -10.67
N PHE A 243 24.98 41.52 -9.68
CA PHE A 243 24.24 42.75 -9.80
C PHE A 243 25.15 43.96 -9.85
N SER A 244 26.23 43.95 -9.06
CA SER A 244 27.26 44.99 -9.12
C SER A 244 27.86 45.07 -10.54
N GLU A 245 28.18 43.92 -11.14
CA GLU A 245 28.70 43.86 -12.51
C GLU A 245 27.71 44.27 -13.60
N LEU A 246 26.41 44.19 -13.29
CA LEU A 246 25.41 44.63 -14.23
C LEU A 246 25.35 46.16 -14.30
N GLN A 247 25.48 46.78 -13.14
CA GLN A 247 25.42 48.23 -13.00
C GLN A 247 26.62 48.86 -13.68
N SER A 248 27.79 48.24 -13.48
CA SER A 248 29.03 48.75 -14.03
C SER A 248 29.22 48.39 -15.51
N LEU A 249 28.96 47.13 -15.89
CA LEU A 249 29.20 46.65 -17.28
C LEU A 249 28.07 46.79 -18.30
N ARG A 250 26.86 47.14 -17.84
CA ARG A 250 25.76 47.44 -18.73
C ARG A 250 25.02 48.65 -18.17
N PRO A 251 25.69 49.82 -18.13
CA PRO A 251 25.16 51.01 -17.47
C PRO A 251 23.93 51.55 -18.19
N ASP A 252 23.87 51.31 -19.49
CA ASP A 252 22.75 51.77 -20.28
C ASP A 252 21.48 51.05 -19.80
N PHE A 253 21.56 49.72 -19.77
CA PHE A 253 20.45 48.88 -19.33
C PHE A 253 20.03 49.23 -17.91
N SER A 254 21.00 49.30 -16.99
CA SER A 254 20.72 49.53 -15.57
C SER A 254 19.97 50.80 -15.30
N SER A 255 20.53 51.91 -15.78
CA SER A 255 19.99 53.24 -15.52
C SER A 255 18.56 53.34 -15.98
N LYS A 256 18.25 52.78 -17.16
CA LYS A 256 16.87 52.74 -17.63
C LYS A 256 15.99 51.94 -16.68
N LEU A 257 16.43 50.77 -16.24
CA LEU A 257 15.52 49.93 -15.45
C LEU A 257 15.41 50.31 -13.99
N MET A 258 16.54 50.67 -13.39
CA MET A 258 16.56 51.04 -11.99
C MET A 258 16.07 52.48 -11.80
N GLY A 259 15.91 53.18 -12.92
CA GLY A 259 15.51 54.57 -12.92
C GLY A 259 14.04 54.74 -12.62
N TYR A 260 13.28 53.66 -12.79
CA TYR A 260 11.86 53.66 -12.45
C TYR A 260 11.67 53.78 -10.95
N ASP A 261 10.55 54.38 -10.55
CA ASP A 261 10.25 54.53 -9.13
C ASP A 261 9.80 53.19 -8.53
N THR A 262 8.80 52.56 -9.14
CA THR A 262 8.20 51.34 -8.65
C THR A 262 7.91 50.38 -9.80
N PHE A 263 8.96 50.08 -10.56
CA PHE A 263 8.93 49.15 -11.68
C PHE A 263 8.25 47.81 -11.30
N ASP A 264 8.64 47.27 -10.16
CA ASP A 264 8.26 45.89 -9.78
C ASP A 264 6.77 45.74 -9.50
N GLN A 265 6.10 46.88 -9.35
CA GLN A 265 4.65 46.92 -9.17
C GLN A 265 3.85 47.24 -10.42
N PHE A 266 4.54 47.33 -11.56
CA PHE A 266 3.89 47.39 -12.89
C PHE A 266 3.36 45.99 -13.17
N THR A 267 2.39 45.87 -14.07
CA THR A 267 1.91 44.55 -14.48
C THR A 267 3.07 43.87 -15.14
N GLU A 268 2.96 42.56 -15.27
CA GLU A 268 4.04 41.78 -15.77
C GLU A 268 4.25 42.06 -17.27
N GLU A 269 3.15 42.38 -17.93
CA GLU A 269 3.12 42.61 -19.35
C GLU A 269 3.89 43.89 -19.58
N ARG A 270 3.56 44.94 -18.81
CA ARG A 270 4.34 46.19 -18.89
C ARG A 270 5.85 46.01 -18.52
N ARG A 271 6.17 45.29 -17.44
CA ARG A 271 7.60 45.03 -17.10
C ARG A 271 8.32 44.28 -18.21
N SER A 272 7.69 43.25 -18.78
CA SER A 272 8.34 42.47 -19.84
C SER A 272 8.50 43.28 -21.13
N SER A 273 7.60 44.24 -21.35
CA SER A 273 7.68 45.09 -22.54
C SER A 273 8.77 46.16 -22.39
N ILE A 274 8.86 46.79 -21.21
CA ILE A 274 10.03 47.64 -20.94
C ILE A 274 11.34 46.88 -21.07
N LEU A 275 11.40 45.63 -20.64
CA LEU A 275 12.67 44.91 -20.72
C LEU A 275 13.04 44.58 -22.18
N THR A 276 12.06 44.18 -22.97
CA THR A 276 12.27 43.83 -24.38
C THR A 276 12.82 45.04 -25.14
N GLU A 277 12.08 46.15 -25.03
CA GLU A 277 12.44 47.39 -25.68
C GLU A 277 13.82 47.89 -25.30
N THR A 278 14.15 47.83 -24.01
CA THR A 278 15.48 48.20 -23.54
C THR A 278 16.56 47.27 -24.15
N LEU A 279 16.23 45.98 -24.21
CA LEU A 279 17.15 44.99 -24.74
C LEU A 279 17.32 45.20 -26.25
N ARG A 280 16.23 45.45 -26.98
CA ARG A 280 16.32 45.79 -28.41
C ARG A 280 17.20 47.02 -28.64
N ARG A 281 17.08 47.99 -27.72
CA ARG A 281 17.78 49.27 -27.77
C ARG A 281 19.28 49.12 -27.68
N PHE A 282 19.74 48.56 -26.55
CA PHE A 282 21.16 48.65 -26.18
C PHE A 282 22.01 47.44 -26.56
N SER A 283 21.65 46.76 -27.64
CA SER A 283 22.39 45.55 -28.06
C SER A 283 23.91 45.74 -28.05
N THR B 2 -3.50 -21.72 -13.26
CA THR B 2 -3.47 -20.74 -12.12
C THR B 2 -2.06 -20.18 -11.77
N THR B 3 -2.02 -18.91 -11.38
CA THR B 3 -0.82 -18.24 -10.84
C THR B 3 -1.22 -17.43 -9.59
N GLY B 4 -0.28 -17.23 -8.66
CA GLY B 4 -0.45 -16.24 -7.58
C GLY B 4 -0.06 -14.85 -8.09
N ILE B 5 -0.14 -13.82 -7.24
CA ILE B 5 0.39 -12.46 -7.57
C ILE B 5 1.03 -11.75 -6.39
N ILE B 6 2.24 -11.25 -6.60
CA ILE B 6 2.93 -10.52 -5.54
C ILE B 6 3.37 -9.14 -6.08
N MET B 7 3.27 -8.15 -5.21
CA MET B 7 3.89 -6.85 -5.48
C MET B 7 4.68 -6.49 -4.25
N GLU B 8 5.97 -6.27 -4.41
CA GLU B 8 6.77 -5.85 -3.29
C GLU B 8 7.30 -4.42 -3.54
N ASN B 9 6.80 -3.53 -2.71
CA ASN B 9 7.21 -2.13 -2.72
C ASN B 9 7.32 -1.51 -4.10
N VAL B 10 6.21 -1.58 -4.85
CA VAL B 10 6.17 -1.16 -6.24
C VAL B 10 5.81 0.33 -6.34
N THR B 11 6.47 1.03 -7.25
CA THR B 11 6.14 2.43 -7.52
C THR B 11 6.23 2.55 -8.98
N ALA B 12 5.24 3.16 -9.60
CA ALA B 12 5.25 3.45 -11.01
C ALA B 12 5.09 4.94 -11.20
N PHE B 13 5.83 5.51 -12.16
CA PHE B 13 5.74 6.94 -12.49
C PHE B 13 4.88 7.21 -13.70
N TRP B 14 4.31 8.39 -13.74
CA TRP B 14 3.69 8.91 -14.95
C TRP B 14 4.63 8.99 -16.15
N GLU B 15 4.23 8.44 -17.30
CA GLU B 15 5.03 8.52 -18.55
C GLU B 15 4.13 8.91 -19.73
N GLU B 16 4.71 9.53 -20.75
CA GLU B 16 3.92 9.96 -21.93
C GLU B 16 3.14 8.80 -22.51
N GLY B 17 1.87 9.08 -22.82
CA GLY B 17 0.94 8.12 -23.40
C GLY B 17 0.09 7.44 -22.35
N PHE B 18 0.55 7.41 -21.11
CA PHE B 18 -0.20 6.64 -20.13
C PHE B 18 -1.56 7.24 -19.84
N GLY B 19 -1.59 8.57 -19.79
CA GLY B 19 -2.81 9.30 -19.51
C GLY B 19 -3.89 8.98 -20.52
N GLU B 20 -3.52 8.93 -21.80
CA GLU B 20 -4.50 8.62 -22.86
C GLU B 20 -4.94 7.15 -22.85
N LEU B 21 -4.08 6.23 -22.41
CA LEU B 21 -4.49 4.83 -22.27
C LEU B 21 -5.62 4.74 -21.25
N LEU B 22 -5.45 5.38 -20.09
CA LEU B 22 -6.41 5.32 -19.01
C LEU B 22 -7.80 5.80 -19.43
N GLU B 23 -7.84 6.98 -20.06
CA GLU B 23 -9.10 7.51 -20.61
C GLU B 23 -9.84 6.45 -21.38
N LYS B 24 -9.12 5.70 -22.22
CA LYS B 24 -9.75 4.67 -23.06
C LYS B 24 -10.32 3.51 -22.24
N VAL B 25 -9.66 3.20 -21.14
CA VAL B 25 -10.01 2.02 -20.35
C VAL B 25 -11.06 2.32 -19.26
N GLN B 26 -11.22 3.60 -18.92
CA GLN B 26 -12.15 4.03 -17.88
C GLN B 26 -13.44 4.66 -18.41
N SER B 42 -2.99 18.08 -16.33
CA SER B 42 -1.94 17.98 -17.35
C SER B 42 -1.13 16.71 -17.20
N PHE B 43 -1.31 15.79 -18.16
CA PHE B 43 -0.54 14.55 -18.19
C PHE B 43 0.88 14.93 -18.42
N SER B 44 1.06 15.92 -19.31
CA SER B 44 2.39 16.40 -19.67
C SER B 44 3.09 16.96 -18.43
N HIS B 45 2.33 17.68 -17.60
CA HIS B 45 2.87 18.21 -16.35
C HIS B 45 3.27 17.15 -15.33
N LEU B 46 2.46 16.11 -15.18
CA LEU B 46 2.81 14.98 -14.30
C LEU B 46 4.07 14.26 -14.74
N CYS B 47 4.23 14.09 -16.05
CA CYS B 47 5.36 13.40 -16.63
C CYS B 47 6.65 14.21 -16.47
N LEU B 48 6.56 15.52 -16.69
CA LEU B 48 7.77 16.37 -16.64
C LEU B 48 8.30 16.47 -15.23
N VAL B 49 7.38 16.66 -14.29
CA VAL B 49 7.72 16.86 -12.88
C VAL B 49 8.32 15.59 -12.21
N GLY B 50 7.91 14.39 -12.66
CA GLY B 50 8.42 13.13 -12.10
C GLY B 50 7.52 12.45 -11.05
N ASN B 51 6.22 12.49 -11.27
CA ASN B 51 5.25 12.09 -10.28
C ASN B 51 4.84 10.60 -10.38
N PRO B 52 4.75 9.89 -9.26
CA PRO B 52 4.23 8.52 -9.28
C PRO B 52 2.73 8.44 -9.51
N VAL B 53 2.27 7.45 -10.27
CA VAL B 53 0.84 7.06 -10.29
C VAL B 53 0.46 6.14 -9.10
N LEU B 54 1.41 5.29 -8.70
CA LEU B 54 1.25 4.36 -7.61
C LEU B 54 2.58 4.32 -6.89
N LYS B 55 2.56 4.30 -5.57
CA LYS B 55 3.80 4.26 -4.83
C LYS B 55 3.77 3.38 -3.61
N ASN B 56 4.87 2.66 -3.41
CA ASN B 56 5.03 1.74 -2.31
C ASN B 56 3.82 0.78 -2.26
N ILE B 57 3.50 0.13 -3.38
CA ILE B 57 2.34 -0.80 -3.38
C ILE B 57 2.80 -2.19 -2.96
N ASN B 58 2.14 -2.76 -1.94
CA ASN B 58 2.43 -4.13 -1.47
C ASN B 58 1.20 -5.04 -1.49
N LEU B 59 1.35 -6.23 -2.02
CA LEU B 59 0.29 -7.25 -1.91
C LEU B 59 0.80 -8.66 -2.20
N ASN B 60 0.15 -9.65 -1.60
CA ASN B 60 0.46 -11.06 -1.85
C ASN B 60 -0.84 -11.90 -1.84
N ILE B 61 -1.18 -12.38 -3.02
CA ILE B 61 -2.46 -13.02 -3.31
C ILE B 61 -2.10 -14.44 -3.73
N GLU B 62 -2.51 -15.42 -2.95
CA GLU B 62 -2.23 -16.83 -3.31
C GLU B 62 -3.10 -17.32 -4.45
N LYS B 63 -2.68 -18.44 -5.08
CA LYS B 63 -3.53 -19.13 -6.04
C LYS B 63 -4.96 -19.24 -5.55
N GLY B 64 -5.92 -18.87 -6.40
CA GLY B 64 -7.34 -19.07 -6.13
C GLY B 64 -7.98 -18.07 -5.21
N GLU B 65 -7.20 -17.14 -4.67
CA GLU B 65 -7.72 -16.12 -3.76
C GLU B 65 -8.36 -14.97 -4.56
N MET B 66 -9.22 -14.21 -3.88
CA MET B 66 -9.87 -13.01 -4.43
C MET B 66 -9.41 -11.74 -3.67
N LEU B 67 -8.88 -10.78 -4.44
CA LEU B 67 -8.55 -9.44 -3.93
C LEU B 67 -9.63 -8.44 -4.39
N ALA B 68 -10.24 -7.75 -3.44
CA ALA B 68 -11.19 -6.67 -3.71
C ALA B 68 -10.36 -5.42 -3.70
N ILE B 69 -10.45 -4.65 -4.76
CA ILE B 69 -9.79 -3.32 -4.77
C ILE B 69 -10.84 -2.22 -4.78
N THR B 70 -10.77 -1.37 -3.76
CA THR B 70 -11.56 -0.17 -3.73
C THR B 70 -10.69 1.08 -3.40
N GLY B 71 -11.33 2.22 -3.22
CA GLY B 71 -10.65 3.49 -2.98
C GLY B 71 -11.46 4.69 -3.46
N SER B 72 -10.81 5.84 -3.57
CA SER B 72 -11.52 7.05 -3.97
C SER B 72 -11.55 7.12 -5.48
N THR B 73 -12.37 8.01 -5.99
CA THR B 73 -12.42 8.22 -7.41
C THR B 73 -11.05 8.68 -7.92
N GLY B 74 -10.62 8.09 -9.04
CA GLY B 74 -9.26 8.23 -9.57
C GLY B 74 -8.08 8.05 -8.63
N SER B 75 -8.13 7.07 -7.73
CA SER B 75 -7.02 6.80 -6.81
C SER B 75 -5.86 5.97 -7.36
N GLY B 76 -6.02 5.46 -8.59
CA GLY B 76 -5.03 4.55 -9.16
C GLY B 76 -5.50 3.08 -9.23
N LYS B 77 -6.81 2.85 -9.08
CA LYS B 77 -7.36 1.49 -9.09
C LYS B 77 -7.15 0.80 -10.45
N THR B 78 -7.55 1.49 -11.54
CA THR B 78 -7.37 0.98 -12.88
C THR B 78 -5.89 0.91 -13.22
N SER B 79 -5.11 1.89 -12.72
CA SER B 79 -3.66 1.87 -12.98
C SER B 79 -2.96 0.64 -12.39
N LEU B 80 -3.44 0.17 -11.24
CA LEU B 80 -2.89 -1.05 -10.64
C LEU B 80 -3.03 -2.26 -11.62
N LEU B 81 -4.16 -2.33 -12.31
CA LEU B 81 -4.44 -3.36 -13.30
C LEU B 81 -3.54 -3.25 -14.54
N MET B 82 -3.33 -2.01 -14.96
CA MET B 82 -2.36 -1.73 -16.00
C MET B 82 -0.95 -2.21 -15.65
N LEU B 83 -0.59 -2.17 -14.36
CA LEU B 83 0.75 -2.65 -13.95
C LEU B 83 0.78 -4.14 -14.28
N ILE B 84 -0.30 -4.84 -13.86
CA ILE B 84 -0.41 -6.27 -14.09
C ILE B 84 -0.38 -6.62 -15.56
N LEU B 85 -1.03 -5.82 -16.38
CA LEU B 85 -1.06 -6.07 -17.83
C LEU B 85 0.27 -5.71 -18.54
N GLY B 86 1.18 -5.08 -17.81
CA GLY B 86 2.43 -4.63 -18.36
C GLY B 86 2.27 -3.41 -19.25
N GLU B 87 1.21 -2.62 -19.03
CA GLU B 87 0.97 -1.37 -19.77
C GLU B 87 1.52 -0.15 -19.06
N LEU B 88 1.97 -0.38 -17.83
CA LEU B 88 2.54 0.62 -16.96
C LEU B 88 3.67 -0.10 -16.23
N GLU B 89 4.87 0.46 -16.30
CA GLU B 89 6.06 -0.23 -15.82
C GLU B 89 6.39 0.06 -14.36
N ALA B 90 6.81 -0.97 -13.62
CA ALA B 90 7.22 -0.78 -12.23
C ALA B 90 8.65 -0.26 -12.25
N SER B 91 8.78 1.04 -12.08
CA SER B 91 10.09 1.68 -12.02
C SER B 91 10.88 1.23 -10.79
N GLU B 92 10.20 0.97 -9.68
CA GLU B 92 10.84 0.45 -8.48
C GLU B 92 10.14 -0.79 -7.96
N GLY B 93 10.83 -1.59 -7.15
CA GLY B 93 10.23 -2.73 -6.46
C GLY B 93 9.95 -3.95 -7.34
N ILE B 94 9.15 -4.89 -6.84
CA ILE B 94 8.89 -6.09 -7.65
C ILE B 94 7.48 -6.68 -7.75
N ILE B 95 7.18 -7.15 -8.96
CA ILE B 95 5.94 -7.85 -9.29
C ILE B 95 6.20 -9.25 -9.91
N LYS B 96 5.60 -10.28 -9.31
CA LYS B 96 5.59 -11.65 -9.88
C LYS B 96 4.16 -12.15 -10.12
N HIS B 97 3.90 -12.65 -11.32
CA HIS B 97 2.72 -13.47 -11.64
C HIS B 97 3.00 -14.16 -12.97
N SER B 98 2.33 -15.30 -13.20
CA SER B 98 2.67 -16.24 -14.28
C SER B 98 1.55 -16.49 -15.30
N GLY B 99 1.94 -16.73 -16.56
CA GLY B 99 1.01 -17.16 -17.60
C GLY B 99 -0.06 -16.18 -18.04
N ARG B 100 -1.25 -16.71 -18.27
CA ARG B 100 -2.32 -15.99 -18.96
C ARG B 100 -3.13 -15.01 -18.09
N VAL B 101 -3.28 -13.76 -18.53
CA VAL B 101 -4.26 -12.91 -17.86
C VAL B 101 -5.53 -12.68 -18.66
N SER B 102 -6.66 -12.71 -17.94
CA SER B 102 -7.92 -12.25 -18.53
C SER B 102 -8.37 -10.89 -17.91
N PHE B 103 -8.65 -9.92 -18.77
CA PHE B 103 -8.98 -8.54 -18.31
C PHE B 103 -10.37 -8.21 -18.77
N CYS B 104 -11.23 -7.87 -17.81
CA CYS B 104 -12.58 -7.36 -18.14
C CYS B 104 -12.56 -5.83 -17.83
N SER B 105 -12.49 -4.99 -18.85
CA SER B 105 -12.38 -3.55 -18.59
C SER B 105 -13.68 -2.90 -18.16
N GLN B 106 -13.54 -1.74 -17.53
CA GLN B 106 -14.71 -1.01 -17.06
C GLN B 106 -15.59 -0.64 -18.22
N PHE B 107 -14.97 -0.35 -19.37
CA PHE B 107 -15.67 -0.19 -20.66
C PHE B 107 -16.11 -1.52 -21.29
N SER B 108 -17.42 -1.73 -21.42
CA SER B 108 -17.95 -2.99 -21.98
C SER B 108 -17.95 -2.94 -23.49
N TRP B 109 -16.99 -3.59 -24.11
CA TRP B 109 -16.94 -3.55 -25.55
C TRP B 109 -17.67 -4.73 -26.15
N ILE B 110 -18.21 -4.50 -27.36
CA ILE B 110 -19.10 -5.43 -28.05
C ILE B 110 -18.73 -5.32 -29.51
N MET B 111 -18.55 -6.48 -30.13
CA MET B 111 -18.20 -6.56 -31.53
C MET B 111 -19.37 -7.13 -32.30
N PRO B 112 -19.52 -6.71 -33.57
CA PRO B 112 -20.52 -7.26 -34.46
C PRO B 112 -20.55 -8.77 -34.45
N GLY B 113 -21.75 -9.33 -34.38
CA GLY B 113 -21.91 -10.77 -34.27
C GLY B 113 -22.92 -11.11 -33.18
N THR B 114 -23.18 -12.40 -33.01
CA THR B 114 -24.15 -12.85 -32.05
C THR B 114 -23.67 -12.66 -30.61
N ILE B 115 -24.61 -12.73 -29.67
CA ILE B 115 -24.28 -12.75 -28.26
C ILE B 115 -23.33 -13.94 -27.99
N LYS B 116 -23.66 -15.13 -28.45
CA LYS B 116 -22.73 -16.28 -28.32
C LYS B 116 -21.32 -15.98 -28.85
N GLU B 117 -21.26 -15.41 -30.06
CA GLU B 117 -20.00 -15.12 -30.73
C GLU B 117 -19.14 -14.18 -29.91
N ASN B 118 -19.79 -13.19 -29.28
CA ASN B 118 -19.07 -12.23 -28.42
C ASN B 118 -18.52 -12.84 -27.14
N ILE B 119 -19.18 -13.89 -26.65
CA ILE B 119 -18.75 -14.55 -25.41
C ILE B 119 -17.61 -15.55 -25.65
N ILE B 120 -17.68 -16.28 -26.76
CA ILE B 120 -16.66 -17.27 -27.11
C ILE B 120 -15.40 -16.77 -27.82
N PHE B 121 -15.33 -15.52 -28.23
CA PHE B 121 -14.39 -15.15 -29.28
C PHE B 121 -12.89 -15.48 -29.12
N GLY B 122 -12.35 -16.16 -30.13
CA GLY B 122 -10.91 -16.30 -30.30
C GLY B 122 -10.44 -17.47 -29.48
N VAL B 123 -11.41 -18.33 -29.18
CA VAL B 123 -11.25 -19.31 -28.14
C VAL B 123 -12.19 -20.46 -28.44
N SER B 124 -11.70 -21.67 -28.19
CA SER B 124 -12.40 -22.90 -28.51
C SER B 124 -13.65 -23.07 -27.68
N TYR B 125 -14.63 -23.71 -28.31
CA TYR B 125 -15.96 -23.85 -27.74
C TYR B 125 -16.11 -25.13 -26.97
N ASP B 126 -16.74 -25.02 -25.79
CA ASP B 126 -16.98 -26.14 -24.86
C ASP B 126 -18.36 -25.95 -24.21
N GLU B 127 -19.30 -26.79 -24.65
CA GLU B 127 -20.72 -26.67 -24.35
C GLU B 127 -21.05 -26.49 -22.88
N TYR B 128 -20.57 -27.40 -22.02
CA TYR B 128 -20.84 -27.26 -20.61
C TYR B 128 -20.22 -25.96 -20.02
N ARG B 129 -19.06 -25.59 -20.52
CA ARG B 129 -18.36 -24.43 -19.98
C ARG B 129 -19.14 -23.16 -20.39
N TYR B 130 -19.65 -23.14 -21.62
CA TYR B 130 -20.37 -21.99 -22.15
C TYR B 130 -21.70 -21.80 -21.42
N LYS B 131 -22.55 -22.83 -21.46
CA LYS B 131 -23.83 -22.83 -20.76
C LYS B 131 -23.70 -22.46 -19.28
N SER B 132 -22.63 -22.91 -18.65
CA SER B 132 -22.44 -22.65 -17.26
C SER B 132 -21.96 -21.18 -16.97
N VAL B 133 -21.16 -20.61 -17.88
CA VAL B 133 -20.84 -19.18 -17.84
C VAL B 133 -22.10 -18.31 -18.05
N VAL B 134 -22.87 -18.61 -19.07
CA VAL B 134 -24.13 -17.95 -19.35
C VAL B 134 -25.04 -17.95 -18.10
N LYS B 135 -25.14 -19.10 -17.45
CA LYS B 135 -26.04 -19.25 -16.34
C LYS B 135 -25.59 -18.37 -15.17
N ALA B 136 -24.32 -18.52 -14.80
CA ALA B 136 -23.75 -17.83 -13.66
C ALA B 136 -23.65 -16.29 -13.84
N CYS B 137 -23.49 -15.84 -15.08
CA CYS B 137 -23.46 -14.40 -15.40
C CYS B 137 -24.87 -13.83 -15.54
N GLN B 138 -25.88 -14.61 -15.14
CA GLN B 138 -27.28 -14.21 -15.22
C GLN B 138 -27.70 -13.69 -16.58
N LEU B 139 -27.25 -14.38 -17.61
CA LEU B 139 -27.54 -13.99 -18.97
C LEU B 139 -28.77 -14.67 -19.54
N GLN B 140 -29.21 -15.72 -18.85
CA GLN B 140 -30.31 -16.55 -19.34
C GLN B 140 -31.58 -15.75 -19.28
N GLN B 141 -31.71 -14.87 -18.28
CA GLN B 141 -32.85 -13.95 -18.15
C GLN B 141 -32.83 -12.94 -19.29
N ASP B 142 -31.66 -12.69 -19.86
CA ASP B 142 -31.60 -11.70 -20.95
C ASP B 142 -31.97 -12.31 -22.27
N ILE B 143 -31.30 -13.40 -22.63
CA ILE B 143 -31.45 -13.99 -23.98
C ILE B 143 -32.87 -14.58 -24.18
N THR B 144 -33.53 -14.96 -23.10
CA THR B 144 -34.91 -15.47 -23.21
C THR B 144 -35.91 -14.40 -23.59
N LYS B 145 -35.50 -13.12 -23.59
CA LYS B 145 -36.36 -12.02 -24.01
C LYS B 145 -36.36 -11.87 -25.54
N PHE B 146 -35.39 -12.54 -26.17
CA PHE B 146 -35.05 -12.35 -27.59
C PHE B 146 -35.51 -13.56 -28.37
N ALA B 147 -36.11 -13.33 -29.52
CA ALA B 147 -36.60 -14.37 -30.40
C ALA B 147 -35.55 -15.44 -30.79
N GLU B 148 -34.31 -15.01 -31.02
CA GLU B 148 -33.21 -15.92 -31.40
C GLU B 148 -32.25 -16.19 -30.22
N GLN B 149 -32.60 -15.71 -29.03
CA GLN B 149 -31.78 -15.88 -27.81
C GLN B 149 -30.31 -15.50 -28.01
N ASP B 150 -29.38 -16.40 -27.69
CA ASP B 150 -27.98 -16.03 -27.83
C ASP B 150 -27.46 -16.06 -29.25
N ASN B 151 -28.27 -16.53 -30.22
CA ASN B 151 -27.93 -16.30 -31.64
C ASN B 151 -28.33 -14.90 -32.10
N THR B 152 -28.80 -14.10 -31.16
CA THR B 152 -29.22 -12.75 -31.49
C THR B 152 -28.05 -11.96 -31.99
N VAL B 153 -28.24 -11.22 -33.07
CA VAL B 153 -27.17 -10.42 -33.66
C VAL B 153 -27.06 -9.03 -33.04
N LEU B 154 -25.85 -8.67 -32.62
CA LEU B 154 -25.56 -7.36 -32.12
C LEU B 154 -24.64 -6.65 -33.11
N GLY B 155 -24.88 -5.36 -33.28
CA GLY B 155 -23.93 -4.45 -33.88
C GLY B 155 -22.84 -3.99 -32.92
N GLU B 156 -21.82 -3.35 -33.49
CA GLU B 156 -20.71 -2.82 -32.73
C GLU B 156 -21.23 -1.92 -31.62
N GLY B 157 -20.72 -2.11 -30.41
CA GLY B 157 -21.14 -1.36 -29.24
C GLY B 157 -22.43 -1.85 -28.56
N GLY B 158 -23.15 -2.81 -29.16
CA GLY B 158 -24.39 -3.34 -28.59
C GLY B 158 -25.29 -2.24 -28.02
N VAL B 159 -25.58 -1.25 -28.87
CA VAL B 159 -26.05 0.06 -28.44
C VAL B 159 -27.49 0.11 -27.81
N THR B 160 -28.41 -0.75 -28.25
CA THR B 160 -29.78 -0.70 -27.72
C THR B 160 -29.92 -1.57 -26.47
N LEU B 161 -28.82 -2.23 -26.07
CA LEU B 161 -28.78 -3.02 -24.85
C LEU B 161 -28.68 -2.08 -23.64
N SER B 162 -28.98 -2.55 -22.42
CA SER B 162 -28.72 -1.75 -21.23
C SER B 162 -27.23 -1.81 -20.89
N GLY B 163 -26.75 -0.91 -20.03
CA GLY B 163 -25.39 -0.99 -19.53
C GLY B 163 -25.11 -2.31 -18.81
N GLY B 164 -26.09 -2.77 -18.01
CA GLY B 164 -25.95 -4.05 -17.33
C GLY B 164 -25.82 -5.24 -18.24
N GLN B 165 -26.66 -5.28 -19.27
CA GLN B 165 -26.62 -6.32 -20.29
C GLN B 165 -25.26 -6.37 -21.05
N ARG B 166 -24.73 -5.20 -21.46
CA ARG B 166 -23.42 -5.12 -22.11
C ARG B 166 -22.34 -5.58 -21.13
N ALA B 167 -22.45 -5.19 -19.87
CA ALA B 167 -21.48 -5.59 -18.86
C ALA B 167 -21.48 -7.09 -18.53
N ARG B 168 -22.63 -7.73 -18.55
CA ARG B 168 -22.73 -9.19 -18.27
C ARG B 168 -22.13 -9.98 -19.41
N ILE B 169 -22.29 -9.46 -20.63
CA ILE B 169 -21.75 -10.14 -21.78
C ILE B 169 -20.21 -10.06 -21.77
N SER B 170 -19.61 -8.89 -21.51
CA SER B 170 -18.14 -8.80 -21.46
C SER B 170 -17.52 -9.47 -20.24
N LEU B 171 -18.23 -9.48 -19.12
CA LEU B 171 -17.82 -10.28 -17.99
C LEU B 171 -17.84 -11.78 -18.41
N ALA B 172 -18.93 -12.23 -19.02
CA ALA B 172 -19.00 -13.61 -19.47
C ALA B 172 -17.83 -13.97 -20.42
N ARG B 173 -17.49 -13.05 -21.32
CA ARG B 173 -16.35 -13.25 -22.25
C ARG B 173 -15.02 -13.39 -21.47
N ALA B 174 -14.78 -12.49 -20.51
CA ALA B 174 -13.58 -12.58 -19.69
C ALA B 174 -13.49 -13.88 -18.83
N VAL B 175 -14.63 -14.29 -18.25
CA VAL B 175 -14.74 -15.49 -17.44
C VAL B 175 -14.61 -16.79 -18.30
N TYR B 176 -15.15 -16.80 -19.52
CA TYR B 176 -15.12 -17.97 -20.38
C TYR B 176 -13.68 -18.36 -20.80
N LYS B 177 -12.86 -17.34 -21.01
CA LYS B 177 -11.45 -17.49 -21.37
C LYS B 177 -10.73 -18.17 -20.21
N ASP B 178 -9.88 -19.13 -20.52
CA ASP B 178 -9.17 -19.80 -19.45
C ASP B 178 -7.88 -19.06 -19.27
N ALA B 179 -7.58 -18.72 -18.03
CA ALA B 179 -6.40 -17.93 -17.72
C ALA B 179 -6.06 -18.26 -16.30
N ASP B 180 -4.86 -17.84 -15.90
CA ASP B 180 -4.36 -17.95 -14.55
C ASP B 180 -4.80 -16.81 -13.64
N LEU B 181 -5.20 -15.66 -14.22
CA LEU B 181 -5.49 -14.48 -13.40
C LEU B 181 -6.54 -13.60 -14.09
N TYR B 182 -7.60 -13.29 -13.35
CA TYR B 182 -8.74 -12.52 -13.85
C TYR B 182 -8.77 -11.15 -13.23
N LEU B 183 -8.79 -10.12 -14.06
CA LEU B 183 -8.90 -8.72 -13.59
C LEU B 183 -10.23 -8.16 -14.04
N LEU B 184 -11.06 -7.80 -13.07
CA LEU B 184 -12.44 -7.42 -13.28
C LEU B 184 -12.60 -5.96 -12.83
N ASP B 185 -12.61 -5.02 -13.79
CA ASP B 185 -12.59 -3.60 -13.39
C ASP B 185 -14.01 -3.09 -13.28
N SER B 186 -14.52 -2.96 -12.06
CA SER B 186 -15.83 -2.34 -11.78
C SER B 186 -17.03 -2.80 -12.62
N PRO B 187 -17.23 -4.12 -12.83
CA PRO B 187 -18.41 -4.54 -13.60
C PRO B 187 -19.72 -4.23 -12.85
N PHE B 188 -19.69 -4.16 -11.51
CA PHE B 188 -20.92 -3.98 -10.79
C PHE B 188 -21.20 -2.47 -10.43
N GLY B 189 -21.72 -1.70 -11.38
CA GLY B 189 -21.97 -0.28 -11.17
C GLY B 189 -23.26 0.23 -11.77
N TYR B 190 -24.23 -0.66 -12.01
CA TYR B 190 -25.42 -0.29 -12.77
C TYR B 190 -26.63 -0.30 -11.89
N LEU B 191 -27.80 -0.02 -12.47
CA LEU B 191 -29.01 0.20 -11.70
C LEU B 191 -29.68 -1.10 -11.27
N ASP B 192 -29.45 -2.19 -12.02
CA ASP B 192 -30.12 -3.48 -11.76
C ASP B 192 -29.29 -4.27 -10.75
N VAL B 193 -29.39 -3.74 -9.56
CA VAL B 193 -28.62 -4.04 -8.40
C VAL B 193 -28.87 -5.49 -7.90
N PHE B 194 -30.09 -6.01 -8.05
CA PHE B 194 -30.41 -7.36 -7.55
C PHE B 194 -29.75 -8.44 -8.43
N THR B 195 -29.79 -8.24 -9.76
CA THR B 195 -29.04 -9.06 -10.69
C THR B 195 -27.52 -9.05 -10.37
N GLU B 196 -26.94 -7.86 -10.11
CA GLU B 196 -25.51 -7.80 -9.82
C GLU B 196 -25.13 -8.60 -8.54
N GLU B 197 -26.00 -8.57 -7.53
CA GLU B 197 -25.82 -9.40 -6.31
C GLU B 197 -25.80 -10.87 -6.69
N GLN B 198 -26.70 -11.29 -7.57
CA GLN B 198 -26.69 -12.68 -8.07
C GLN B 198 -25.45 -13.02 -8.89
N VAL B 199 -25.01 -12.09 -9.74
CA VAL B 199 -23.77 -12.27 -10.51
C VAL B 199 -22.56 -12.36 -9.60
N PHE B 200 -22.45 -11.47 -8.64
CA PHE B 200 -21.30 -11.58 -7.75
C PHE B 200 -21.25 -12.97 -7.06
N GLU B 201 -22.40 -13.44 -6.60
CA GLU B 201 -22.51 -14.70 -5.85
C GLU B 201 -22.21 -15.92 -6.73
N SER B 202 -22.91 -16.05 -7.83
CA SER B 202 -22.86 -17.23 -8.70
C SER B 202 -21.62 -17.28 -9.58
N CYS B 203 -21.19 -16.11 -10.06
CA CYS B 203 -20.02 -16.04 -10.92
C CYS B 203 -18.75 -15.81 -10.18
N VAL B 204 -18.55 -14.65 -9.56
CA VAL B 204 -17.27 -14.35 -8.90
C VAL B 204 -16.94 -15.31 -7.70
N CYS B 205 -17.93 -15.63 -6.88
CA CYS B 205 -17.68 -16.37 -5.67
C CYS B 205 -17.77 -17.90 -5.95
N LYS B 206 -18.72 -18.35 -6.75
CA LYS B 206 -18.95 -19.80 -6.95
C LYS B 206 -18.24 -20.39 -8.16
N LEU B 207 -18.66 -20.01 -9.38
CA LEU B 207 -18.04 -20.56 -10.58
C LEU B 207 -16.54 -20.29 -10.59
N MET B 208 -16.13 -19.13 -10.09
CA MET B 208 -14.71 -18.75 -10.07
C MET B 208 -14.05 -18.95 -8.70
N ALA B 209 -14.65 -19.76 -7.83
CA ALA B 209 -14.08 -19.99 -6.49
C ALA B 209 -12.60 -20.36 -6.43
N ASN B 210 -12.10 -21.07 -7.44
CA ASN B 210 -10.70 -21.47 -7.46
C ASN B 210 -9.77 -20.71 -8.43
N LYS B 211 -10.27 -19.63 -9.03
CA LYS B 211 -9.50 -18.85 -9.98
C LYS B 211 -8.92 -17.62 -9.23
N THR B 212 -7.64 -17.32 -9.46
CA THR B 212 -7.06 -16.13 -8.84
C THR B 212 -7.76 -14.92 -9.48
N ARG B 213 -8.28 -14.03 -8.68
CA ARG B 213 -9.08 -12.96 -9.27
C ARG B 213 -8.94 -11.63 -8.56
N ILE B 214 -8.98 -10.56 -9.34
CA ILE B 214 -8.93 -9.18 -8.80
C ILE B 214 -10.16 -8.37 -9.20
N LEU B 215 -10.93 -7.92 -8.21
CA LEU B 215 -12.19 -7.26 -8.51
C LEU B 215 -12.09 -5.84 -8.00
N VAL B 216 -12.17 -4.89 -8.92
CA VAL B 216 -12.35 -3.50 -8.50
C VAL B 216 -13.79 -3.22 -8.28
N THR B 217 -14.10 -2.65 -7.13
CA THR B 217 -15.48 -2.56 -6.73
C THR B 217 -15.76 -1.37 -5.81
N SER B 218 -17.01 -0.93 -5.72
CA SER B 218 -17.41 0.01 -4.67
C SER B 218 -18.54 -0.55 -3.80
N LYS B 219 -18.64 -1.89 -3.68
CA LYS B 219 -19.56 -2.49 -2.65
C LYS B 219 -18.84 -3.18 -1.48
N MET B 220 -19.35 -2.92 -0.27
CA MET B 220 -18.74 -3.41 0.96
C MET B 220 -18.94 -4.94 1.13
N GLU B 221 -19.99 -5.50 0.56
CA GLU B 221 -20.18 -6.95 0.55
C GLU B 221 -19.00 -7.60 -0.18
N HIS B 222 -18.46 -6.91 -1.17
CA HIS B 222 -17.38 -7.53 -1.95
C HIS B 222 -16.12 -7.58 -1.12
N LEU B 223 -15.97 -6.61 -0.21
CA LEU B 223 -14.85 -6.59 0.77
C LEU B 223 -15.01 -7.67 1.83
N ARG B 224 -16.21 -7.75 2.41
CA ARG B 224 -16.59 -8.80 3.34
C ARG B 224 -16.21 -10.21 2.86
N LYS B 225 -16.40 -10.48 1.58
CA LYS B 225 -16.23 -11.79 0.98
C LYS B 225 -14.85 -12.04 0.35
N ALA B 226 -14.05 -10.99 0.23
CA ALA B 226 -12.72 -11.12 -0.37
C ALA B 226 -11.78 -11.89 0.54
N ASP B 227 -10.73 -12.50 -0.01
CA ASP B 227 -9.61 -12.98 0.82
C ASP B 227 -8.70 -11.85 1.31
N LYS B 228 -8.37 -10.91 0.42
CA LYS B 228 -7.54 -9.76 0.74
C LYS B 228 -8.22 -8.52 0.19
N ILE B 229 -7.92 -7.38 0.80
CA ILE B 229 -8.48 -6.07 0.43
C ILE B 229 -7.37 -5.02 0.17
N LEU B 230 -7.51 -4.23 -0.90
CA LEU B 230 -6.60 -3.12 -1.11
C LEU B 230 -7.45 -1.87 -1.27
N ILE B 231 -7.15 -0.86 -0.48
CA ILE B 231 -7.89 0.38 -0.59
C ILE B 231 -6.89 1.47 -0.98
N LEU B 232 -7.11 2.06 -2.14
CA LEU B 232 -6.25 3.13 -2.65
C LEU B 232 -6.81 4.57 -2.41
N HIS B 233 -5.92 5.52 -2.14
CA HIS B 233 -6.26 6.94 -2.13
C HIS B 233 -5.09 7.79 -2.67
N GLN B 234 -5.30 8.57 -3.72
CA GLN B 234 -4.22 9.41 -4.28
C GLN B 234 -2.95 8.60 -4.60
N GLY B 235 -3.14 7.43 -5.18
CA GLY B 235 -2.02 6.67 -5.69
C GLY B 235 -1.24 5.97 -4.63
N SER B 236 -1.80 5.88 -3.42
CA SER B 236 -1.16 5.23 -2.28
C SER B 236 -2.08 4.22 -1.65
N SER B 237 -1.50 3.29 -0.91
CA SER B 237 -2.20 2.26 -0.17
C SER B 237 -2.73 2.80 1.13
N TYR B 238 -4.04 3.08 1.18
CA TYR B 238 -4.67 3.46 2.42
C TYR B 238 -4.74 2.25 3.34
N PHE B 239 -4.94 1.06 2.76
CA PHE B 239 -5.06 -0.16 3.54
C PHE B 239 -4.83 -1.39 2.68
N TYR B 240 -4.10 -2.36 3.23
CA TYR B 240 -4.00 -3.68 2.63
C TYR B 240 -4.11 -4.72 3.71
N GLY B 241 -5.01 -5.68 3.50
CA GLY B 241 -5.06 -6.85 4.36
C GLY B 241 -6.38 -7.58 4.27
N THR B 242 -6.82 -8.13 5.40
CA THR B 242 -8.03 -8.94 5.45
C THR B 242 -9.19 -8.10 5.94
N PHE B 243 -10.41 -8.55 5.71
CA PHE B 243 -11.57 -7.81 6.16
C PHE B 243 -11.57 -7.64 7.68
N SER B 244 -11.08 -8.66 8.38
CA SER B 244 -11.00 -8.57 9.85
C SER B 244 -9.97 -7.54 10.29
N GLU B 245 -8.83 -7.49 9.59
CA GLU B 245 -7.87 -6.41 9.79
C GLU B 245 -8.45 -5.02 9.49
N LEU B 246 -9.31 -4.91 8.49
CA LEU B 246 -9.88 -3.60 8.17
C LEU B 246 -10.69 -3.04 9.32
N GLN B 247 -11.62 -3.84 9.82
CA GLN B 247 -12.50 -3.48 10.94
C GLN B 247 -11.70 -3.07 12.16
N SER B 248 -10.51 -3.63 12.30
CA SER B 248 -9.71 -3.44 13.51
C SER B 248 -8.59 -2.40 13.39
N LEU B 249 -7.94 -2.33 12.23
CA LEU B 249 -6.88 -1.35 12.01
C LEU B 249 -7.34 -0.06 11.27
N ARG B 250 -8.59 -0.05 10.81
CA ARG B 250 -9.19 1.15 10.27
C ARG B 250 -10.63 1.30 10.79
N PRO B 251 -10.79 1.44 12.11
CA PRO B 251 -12.12 1.46 12.74
C PRO B 251 -12.96 2.68 12.44
N ASP B 252 -12.34 3.83 12.13
CA ASP B 252 -13.09 5.02 11.71
C ASP B 252 -13.71 4.86 10.31
N PHE B 253 -12.88 4.45 9.33
CA PHE B 253 -13.33 4.09 7.98
C PHE B 253 -14.43 3.05 8.08
N SER B 254 -14.15 1.97 8.80
CA SER B 254 -15.03 0.81 8.83
C SER B 254 -16.39 1.14 9.40
N SER B 255 -16.40 1.86 10.52
CA SER B 255 -17.60 2.22 11.25
C SER B 255 -18.51 3.08 10.42
N LYS B 256 -17.93 4.06 9.71
CA LYS B 256 -18.71 4.91 8.79
C LYS B 256 -19.35 4.10 7.66
N LEU B 257 -18.60 3.18 7.07
CA LEU B 257 -19.09 2.49 5.89
C LEU B 257 -20.12 1.41 6.26
N MET B 258 -19.83 0.66 7.32
CA MET B 258 -20.71 -0.38 7.87
C MET B 258 -21.92 0.18 8.58
N GLY B 259 -21.95 1.51 8.76
CA GLY B 259 -23.08 2.16 9.39
C GLY B 259 -24.18 2.64 8.44
N TYR B 260 -24.16 2.16 7.20
CA TYR B 260 -25.30 2.33 6.30
C TYR B 260 -25.98 0.99 6.16
N ASP B 261 -27.29 0.99 6.36
CA ASP B 261 -28.08 -0.25 6.24
C ASP B 261 -27.86 -0.94 4.88
N THR B 262 -28.04 -0.18 3.80
CA THR B 262 -28.02 -0.73 2.45
C THR B 262 -27.16 0.07 1.46
N PHE B 263 -25.98 0.48 1.92
CA PHE B 263 -24.99 1.16 1.12
C PHE B 263 -24.83 0.54 -0.29
N ASP B 264 -24.84 -0.80 -0.39
CA ASP B 264 -24.50 -1.44 -1.68
C ASP B 264 -25.58 -1.24 -2.74
N GLN B 265 -26.72 -0.73 -2.29
CA GLN B 265 -27.82 -0.49 -3.19
C GLN B 265 -27.97 0.98 -3.59
N PHE B 266 -27.11 1.84 -3.05
CA PHE B 266 -26.95 3.22 -3.57
C PHE B 266 -26.37 3.13 -4.99
N THR B 267 -26.51 4.19 -5.79
CA THR B 267 -25.89 4.28 -7.13
C THR B 267 -24.39 4.24 -7.00
N GLU B 268 -23.72 3.85 -8.07
CA GLU B 268 -22.28 3.78 -8.08
C GLU B 268 -21.68 5.17 -7.70
N GLU B 269 -22.23 6.20 -8.31
CA GLU B 269 -21.75 7.59 -8.05
C GLU B 269 -21.76 7.92 -6.55
N ARG B 270 -22.87 7.60 -5.88
CA ARG B 270 -23.02 7.86 -4.43
C ARG B 270 -22.10 7.01 -3.56
N ARG B 271 -22.00 5.71 -3.87
CA ARG B 271 -21.05 4.87 -3.13
C ARG B 271 -19.62 5.46 -3.24
N SER B 272 -19.18 5.75 -4.46
CA SER B 272 -17.82 6.25 -4.68
C SER B 272 -17.63 7.64 -4.04
N SER B 273 -18.70 8.43 -3.97
CA SER B 273 -18.65 9.74 -3.29
C SER B 273 -18.41 9.61 -1.79
N ILE B 274 -19.19 8.76 -1.14
CA ILE B 274 -19.03 8.38 0.25
C ILE B 274 -17.64 7.82 0.58
N LEU B 275 -17.16 6.90 -0.26
CA LEU B 275 -15.81 6.34 -0.10
C LEU B 275 -14.77 7.46 -0.20
N THR B 276 -14.91 8.33 -1.21
CA THR B 276 -13.97 9.45 -1.43
C THR B 276 -13.90 10.38 -0.19
N GLU B 277 -15.05 10.85 0.26
CA GLU B 277 -15.19 11.68 1.47
C GLU B 277 -14.62 11.03 2.69
N THR B 278 -14.87 9.74 2.87
CA THR B 278 -14.41 9.04 4.07
C THR B 278 -12.89 8.91 4.08
N LEU B 279 -12.31 8.63 2.92
CA LEU B 279 -10.86 8.50 2.77
C LEU B 279 -10.18 9.87 2.99
N ARG B 280 -10.76 10.92 2.42
CA ARG B 280 -10.21 12.28 2.60
C ARG B 280 -10.22 12.65 4.08
N ARG B 281 -11.33 12.39 4.74
CA ARG B 281 -11.51 12.65 6.17
C ARG B 281 -10.52 11.90 7.11
N PHE B 282 -10.26 10.62 6.86
CA PHE B 282 -9.37 9.86 7.76
C PHE B 282 -7.94 9.60 7.27
N SER B 283 -7.20 8.81 8.06
CA SER B 283 -5.73 8.94 8.13
C SER B 283 -4.94 7.63 8.08
N SER C 1 -13.85 -25.10 1.25
CA SER C 1 -12.46 -24.85 0.77
C SER C 1 -11.95 -26.05 -0.01
N THR C 2 -10.88 -25.86 -0.76
CA THR C 2 -10.16 -26.98 -1.35
C THR C 2 -8.66 -26.83 -1.19
N THR C 3 -7.92 -27.87 -1.55
CA THR C 3 -6.47 -27.81 -1.49
C THR C 3 -5.83 -28.23 -2.79
N GLY C 4 -4.64 -27.73 -3.09
CA GLY C 4 -3.82 -28.30 -4.15
C GLY C 4 -3.03 -29.47 -3.52
N ILE C 5 -2.41 -30.29 -4.35
CA ILE C 5 -1.49 -31.30 -3.84
C ILE C 5 -0.29 -31.38 -4.74
N ILE C 6 0.88 -31.40 -4.09
CA ILE C 6 2.12 -31.43 -4.81
C ILE C 6 2.94 -32.61 -4.35
N MET C 7 3.61 -33.23 -5.31
CA MET C 7 4.62 -34.24 -4.99
C MET C 7 5.83 -33.93 -5.86
N GLU C 8 6.99 -33.81 -5.22
CA GLU C 8 8.26 -33.58 -5.94
C GLU C 8 9.23 -34.71 -5.63
N ASN C 9 9.54 -35.52 -6.64
CA ASN C 9 10.45 -36.64 -6.48
C ASN C 9 10.19 -37.57 -5.28
N VAL C 10 8.93 -37.99 -5.08
CA VAL C 10 8.60 -38.84 -3.92
C VAL C 10 8.93 -40.31 -4.16
N THR C 11 9.62 -40.90 -3.20
CA THR C 11 9.91 -42.31 -3.23
C THR C 11 9.44 -42.83 -1.88
N ALA C 12 8.78 -43.98 -1.89
CA ALA C 12 8.28 -44.57 -0.65
C ALA C 12 8.64 -46.04 -0.68
N PHE C 13 9.04 -46.58 0.48
CA PHE C 13 9.55 -47.96 0.61
C PHE C 13 8.59 -48.90 1.32
N TRP C 14 8.70 -50.19 1.00
CA TRP C 14 7.91 -51.22 1.67
C TRP C 14 8.30 -51.30 3.14
N GLU C 15 7.30 -51.17 4.00
CA GLU C 15 7.47 -51.26 5.45
C GLU C 15 6.51 -52.29 5.98
N GLU C 16 6.90 -52.89 7.11
CA GLU C 16 6.11 -53.90 7.81
C GLU C 16 4.69 -53.41 8.09
N GLY C 17 3.71 -54.24 7.76
CA GLY C 17 2.31 -53.91 7.97
C GLY C 17 1.58 -53.35 6.75
N PHE C 18 2.33 -52.94 5.72
CA PHE C 18 1.72 -52.19 4.63
C PHE C 18 0.92 -53.10 3.70
N GLY C 19 1.45 -54.30 3.46
CA GLY C 19 0.83 -55.26 2.56
C GLY C 19 -0.53 -55.72 3.06
N GLU C 20 -0.67 -55.84 4.38
CA GLU C 20 -1.97 -56.21 4.98
C GLU C 20 -2.97 -55.05 4.96
N LEU C 21 -2.49 -53.84 5.19
CA LEU C 21 -3.27 -52.61 4.93
C LEU C 21 -3.83 -52.65 3.51
N LEU C 22 -2.96 -52.84 2.52
CA LEU C 22 -3.39 -52.84 1.13
C LEU C 22 -4.47 -53.89 0.82
N GLU C 23 -4.33 -55.09 1.40
CA GLU C 23 -5.30 -56.18 1.25
C GLU C 23 -6.67 -55.74 1.77
N LYS C 24 -6.69 -55.03 2.88
CA LYS C 24 -7.96 -54.61 3.44
C LYS C 24 -8.70 -53.61 2.52
N VAL C 25 -7.94 -52.82 1.79
CA VAL C 25 -8.45 -51.65 1.10
C VAL C 25 -8.75 -51.98 -0.39
N GLN C 26 -8.07 -52.99 -0.93
CA GLN C 26 -8.30 -53.52 -2.27
C GLN C 26 -9.10 -54.82 -2.20
N PHE C 43 4.88 -60.36 2.69
CA PHE C 43 5.40 -59.09 2.21
C PHE C 43 6.73 -58.83 2.87
N SER C 44 7.13 -59.76 3.73
CA SER C 44 8.35 -59.57 4.49
C SER C 44 9.56 -59.40 3.59
N HIS C 45 9.62 -60.14 2.49
CA HIS C 45 10.76 -60.04 1.61
C HIS C 45 10.94 -58.67 0.98
N LEU C 46 9.85 -58.05 0.53
CA LEU C 46 9.91 -56.69 -0.01
C LEU C 46 10.47 -55.68 0.97
N CYS C 47 10.05 -55.79 2.24
CA CYS C 47 10.48 -54.94 3.32
C CYS C 47 11.91 -55.21 3.67
N LEU C 48 12.27 -56.49 3.68
CA LEU C 48 13.60 -56.86 4.11
C LEU C 48 14.59 -56.35 3.07
N VAL C 49 14.26 -56.53 1.80
CA VAL C 49 15.15 -56.13 0.70
C VAL C 49 15.25 -54.59 0.51
N GLY C 50 14.31 -53.84 1.08
CA GLY C 50 14.32 -52.39 0.90
C GLY C 50 13.86 -51.87 -0.47
N ASN C 51 12.79 -52.46 -1.01
CA ASN C 51 12.31 -52.04 -2.30
C ASN C 51 11.24 -50.93 -2.24
N PRO C 52 11.27 -50.00 -3.19
CA PRO C 52 10.27 -48.94 -3.25
C PRO C 52 8.94 -49.50 -3.69
N VAL C 53 7.89 -49.03 -3.03
CA VAL C 53 6.56 -49.23 -3.58
C VAL C 53 6.35 -48.18 -4.69
N LEU C 54 6.83 -46.96 -4.47
CA LEU C 54 6.68 -45.87 -5.45
C LEU C 54 7.99 -45.13 -5.60
N LYS C 55 8.33 -44.73 -6.81
CA LYS C 55 9.68 -44.23 -7.09
C LYS C 55 9.61 -43.01 -7.98
N ASN C 56 10.31 -41.96 -7.57
CA ASN C 56 10.37 -40.68 -8.31
C ASN C 56 8.98 -40.24 -8.78
N ILE C 57 8.07 -40.02 -7.83
CA ILE C 57 6.72 -39.58 -8.20
C ILE C 57 6.65 -38.05 -8.28
N ASN C 58 6.25 -37.52 -9.44
CA ASN C 58 5.96 -36.11 -9.48
C ASN C 58 4.53 -35.78 -9.88
N LEU C 59 3.96 -34.78 -9.22
CA LEU C 59 2.69 -34.23 -9.67
C LEU C 59 2.43 -32.86 -9.05
N ASN C 60 1.60 -32.08 -9.73
CA ASN C 60 1.25 -30.77 -9.21
C ASN C 60 -0.18 -30.44 -9.56
N ILE C 61 -1.05 -30.58 -8.58
CA ILE C 61 -2.48 -30.50 -8.82
C ILE C 61 -2.99 -29.26 -8.12
N GLU C 62 -3.52 -28.36 -8.92
CA GLU C 62 -4.11 -27.11 -8.46
C GLU C 62 -5.54 -27.32 -7.91
N LYS C 63 -5.95 -26.44 -6.99
CA LYS C 63 -7.29 -26.36 -6.42
C LYS C 63 -8.45 -26.57 -7.41
N GLY C 64 -9.28 -27.57 -7.16
CA GLY C 64 -10.46 -27.78 -7.98
C GLY C 64 -10.19 -28.61 -9.22
N GLU C 65 -8.95 -29.03 -9.46
CA GLU C 65 -8.64 -29.94 -10.55
C GLU C 65 -8.99 -31.41 -10.23
N MET C 66 -9.19 -32.19 -11.28
CA MET C 66 -9.34 -33.66 -11.21
C MET C 66 -8.03 -34.32 -11.73
N LEU C 67 -7.39 -35.18 -10.93
CA LEU C 67 -6.30 -36.04 -11.42
C LEU C 67 -6.89 -37.43 -11.68
N ALA C 68 -6.69 -37.95 -12.89
CA ALA C 68 -7.09 -39.32 -13.17
C ALA C 68 -5.83 -40.21 -13.05
N ILE C 69 -5.89 -41.21 -12.20
CA ILE C 69 -4.76 -42.13 -12.04
C ILE C 69 -5.13 -43.45 -12.67
N THR C 70 -4.29 -43.91 -13.60
CA THR C 70 -4.45 -45.26 -14.13
C THR C 70 -3.09 -46.02 -14.19
N GLY C 71 -3.12 -47.25 -14.68
CA GLY C 71 -1.85 -47.98 -14.91
C GLY C 71 -2.13 -49.48 -14.97
N SER C 72 -1.13 -50.30 -14.72
CA SER C 72 -1.30 -51.77 -14.74
C SER C 72 -1.82 -52.20 -13.39
N THR C 73 -2.29 -53.45 -13.28
CA THR C 73 -2.78 -53.92 -12.00
C THR C 73 -1.63 -54.02 -10.98
N GLY C 74 -1.87 -53.62 -9.74
CA GLY C 74 -0.83 -53.65 -8.72
C GLY C 74 0.34 -52.68 -8.99
N SER C 75 0.16 -51.73 -9.92
CA SER C 75 1.20 -50.74 -10.25
C SER C 75 1.64 -49.72 -9.18
N GLY C 76 0.92 -49.66 -8.04
CA GLY C 76 1.13 -48.64 -7.03
C GLY C 76 0.06 -47.54 -6.88
N LYS C 77 -1.08 -47.72 -7.54
CA LYS C 77 -2.16 -46.71 -7.53
C LYS C 77 -2.76 -46.49 -6.18
N THR C 78 -3.14 -47.58 -5.50
CA THR C 78 -3.69 -47.49 -4.16
C THR C 78 -2.67 -46.91 -3.14
N SER C 79 -1.40 -47.32 -3.24
CA SER C 79 -0.35 -46.79 -2.37
C SER C 79 -0.11 -45.29 -2.55
N LEU C 80 -0.34 -44.77 -3.75
CA LEU C 80 -0.25 -43.33 -3.97
C LEU C 80 -1.26 -42.66 -2.99
N LEU C 81 -2.48 -43.16 -3.02
CA LEU C 81 -3.51 -42.68 -2.11
C LEU C 81 -3.15 -42.83 -0.64
N MET C 82 -2.59 -44.00 -0.29
CA MET C 82 -2.09 -44.25 1.08
C MET C 82 -1.04 -43.23 1.51
N LEU C 83 -0.17 -42.82 0.61
CA LEU C 83 0.78 -41.71 0.85
C LEU C 83 0.04 -40.44 1.27
N ILE C 84 -0.94 -40.01 0.46
CA ILE C 84 -1.70 -38.80 0.76
C ILE C 84 -2.37 -38.88 2.14
N LEU C 85 -2.90 -40.06 2.48
CA LEU C 85 -3.57 -40.29 3.75
C LEU C 85 -2.65 -40.37 4.94
N GLY C 86 -1.38 -40.61 4.69
CA GLY C 86 -0.42 -40.70 5.78
C GLY C 86 -0.23 -42.10 6.29
N GLU C 87 -0.69 -43.09 5.51
CA GLU C 87 -0.56 -44.50 5.90
C GLU C 87 0.71 -45.09 5.31
N LEU C 88 1.26 -44.38 4.33
CA LEU C 88 2.53 -44.71 3.76
C LEU C 88 3.42 -43.47 3.92
N GLU C 89 4.68 -43.72 4.22
CA GLU C 89 5.62 -42.65 4.50
C GLU C 89 6.61 -42.47 3.35
N ALA C 90 6.76 -41.23 2.87
CA ALA C 90 7.73 -40.89 1.84
C ALA C 90 9.11 -40.84 2.48
N SER C 91 10.01 -41.72 2.06
CA SER C 91 11.37 -41.70 2.58
C SER C 91 12.23 -40.61 1.91
N GLU C 92 12.05 -40.41 0.61
CA GLU C 92 12.61 -39.28 -0.13
C GLU C 92 11.51 -38.37 -0.68
N GLY C 93 11.80 -37.08 -0.78
CA GLY C 93 10.95 -36.15 -1.50
C GLY C 93 10.03 -35.28 -0.67
N ILE C 94 9.24 -34.49 -1.36
CA ILE C 94 8.32 -33.53 -0.72
C ILE C 94 6.84 -33.79 -1.11
N ILE C 95 5.99 -33.88 -0.10
CA ILE C 95 4.54 -33.99 -0.28
C ILE C 95 3.87 -32.81 0.37
N LYS C 96 3.03 -32.11 -0.37
CA LYS C 96 2.37 -30.90 0.10
C LYS C 96 0.85 -30.91 -0.18
N HIS C 97 0.03 -30.78 0.86
CA HIS C 97 -1.43 -30.57 0.76
C HIS C 97 -2.00 -30.27 2.15
N SER C 98 -3.22 -29.73 2.24
CA SER C 98 -3.75 -29.38 3.57
C SER C 98 -5.26 -29.58 3.71
N GLY C 99 -5.73 -29.57 4.94
CA GLY C 99 -7.15 -29.74 5.23
C GLY C 99 -7.59 -31.20 5.34
N ARG C 100 -8.91 -31.41 5.30
CA ARG C 100 -9.54 -32.71 5.40
C ARG C 100 -9.35 -33.47 4.08
N VAL C 101 -9.13 -34.77 4.17
CA VAL C 101 -9.32 -35.62 3.00
C VAL C 101 -10.48 -36.58 3.23
N SER C 102 -11.25 -36.83 2.18
CA SER C 102 -12.28 -37.85 2.21
C SER C 102 -11.81 -38.94 1.25
N PHE C 103 -11.85 -40.17 1.72
CA PHE C 103 -11.34 -41.35 1.00
C PHE C 103 -12.49 -42.32 0.73
N CYS C 104 -12.66 -42.70 -0.54
CA CYS C 104 -13.60 -43.74 -0.97
C CYS C 104 -12.80 -44.99 -1.36
N SER C 105 -12.72 -45.99 -0.49
CA SER C 105 -11.94 -47.20 -0.82
C SER C 105 -12.58 -48.03 -1.91
N GLN C 106 -11.73 -48.76 -2.63
CA GLN C 106 -12.22 -49.71 -3.62
C GLN C 106 -13.10 -50.78 -2.93
N PHE C 107 -12.76 -51.18 -1.72
CA PHE C 107 -13.71 -51.99 -0.93
C PHE C 107 -14.91 -51.17 -0.47
N SER C 108 -16.11 -51.61 -0.88
CA SER C 108 -17.33 -50.91 -0.48
C SER C 108 -17.86 -51.35 0.87
N TRP C 109 -17.62 -50.58 1.93
CA TRP C 109 -18.09 -50.96 3.24
C TRP C 109 -19.44 -50.36 3.60
N ILE C 110 -20.24 -51.16 4.29
CA ILE C 110 -21.61 -50.84 4.64
C ILE C 110 -21.73 -51.19 6.14
N MET C 111 -22.11 -50.21 6.96
CA MET C 111 -22.30 -50.40 8.40
C MET C 111 -23.77 -50.71 8.68
N PRO C 112 -24.05 -51.44 9.77
CA PRO C 112 -25.44 -51.64 10.20
C PRO C 112 -26.20 -50.32 10.27
N GLY C 113 -27.38 -50.25 9.67
CA GLY C 113 -28.19 -49.04 9.66
C GLY C 113 -28.89 -48.80 8.34
N THR C 114 -29.69 -47.75 8.26
CA THR C 114 -30.34 -47.37 7.02
C THR C 114 -29.39 -46.86 5.90
N ILE C 115 -29.88 -46.72 4.67
CA ILE C 115 -29.01 -46.34 3.57
C ILE C 115 -28.61 -44.92 3.94
N LYS C 116 -29.59 -44.13 4.35
CA LYS C 116 -29.36 -42.74 4.75
C LYS C 116 -28.34 -42.58 5.88
N GLU C 117 -28.45 -43.40 6.94
CA GLU C 117 -27.47 -43.39 8.02
C GLU C 117 -26.06 -43.69 7.51
N ASN C 118 -25.95 -44.57 6.49
CA ASN C 118 -24.65 -44.94 5.92
C ASN C 118 -24.02 -43.78 5.15
N ILE C 119 -24.85 -42.98 4.52
CA ILE C 119 -24.38 -41.91 3.69
C ILE C 119 -23.89 -40.74 4.55
N ILE C 120 -24.57 -40.47 5.65
CA ILE C 120 -24.27 -39.28 6.46
C ILE C 120 -23.47 -39.59 7.72
N PHE C 121 -23.02 -40.84 7.88
CA PHE C 121 -22.54 -41.25 9.20
C PHE C 121 -21.50 -40.31 9.82
N GLY C 122 -21.77 -39.83 11.03
CA GLY C 122 -20.81 -39.04 11.75
C GLY C 122 -20.62 -37.63 11.25
N VAL C 123 -21.60 -37.12 10.50
CA VAL C 123 -21.51 -35.79 9.90
C VAL C 123 -22.84 -35.08 10.09
N SER C 124 -22.81 -33.74 10.13
CA SER C 124 -24.05 -32.97 10.34
C SER C 124 -25.00 -33.16 9.16
N TYR C 125 -26.27 -33.39 9.46
CA TYR C 125 -27.27 -33.56 8.43
C TYR C 125 -27.65 -32.24 7.78
N ASP C 126 -27.69 -32.27 6.45
CA ASP C 126 -28.04 -31.10 5.66
C ASP C 126 -28.88 -31.60 4.52
N GLU C 127 -30.18 -31.37 4.64
CA GLU C 127 -31.16 -31.91 3.71
C GLU C 127 -30.81 -31.66 2.26
N TYR C 128 -30.55 -30.39 1.93
CA TYR C 128 -30.23 -29.98 0.58
C TYR C 128 -28.96 -30.66 0.01
N ARG C 129 -27.89 -30.63 0.77
CA ARG C 129 -26.66 -31.31 0.41
C ARG C 129 -26.86 -32.84 0.25
N TYR C 130 -27.68 -33.43 1.12
CA TYR C 130 -28.00 -34.85 1.06
C TYR C 130 -28.74 -35.24 -0.22
N LYS C 131 -29.77 -34.48 -0.57
CA LYS C 131 -30.51 -34.75 -1.79
C LYS C 131 -29.69 -34.54 -3.05
N SER C 132 -28.84 -33.52 -3.07
CA SER C 132 -28.04 -33.34 -4.25
C SER C 132 -27.02 -34.50 -4.40
N VAL C 133 -26.51 -35.07 -3.30
CA VAL C 133 -25.55 -36.18 -3.40
C VAL C 133 -26.27 -37.44 -3.85
N VAL C 134 -27.41 -37.77 -3.23
CA VAL C 134 -28.19 -38.93 -3.63
C VAL C 134 -28.56 -38.86 -5.12
N LYS C 135 -28.89 -37.67 -5.58
CA LYS C 135 -29.31 -37.49 -6.95
C LYS C 135 -28.10 -37.70 -7.87
N ALA C 136 -26.99 -37.01 -7.58
CA ALA C 136 -25.82 -37.05 -8.45
C ALA C 136 -25.19 -38.47 -8.48
N CYS C 137 -25.27 -39.19 -7.35
CA CYS C 137 -24.71 -40.54 -7.33
C CYS C 137 -25.65 -41.59 -7.93
N GLN C 138 -26.72 -41.15 -8.60
CA GLN C 138 -27.70 -42.07 -9.24
C GLN C 138 -28.31 -43.07 -8.24
N LEU C 139 -28.54 -42.62 -7.03
CA LEU C 139 -29.12 -43.49 -6.01
C LEU C 139 -30.64 -43.50 -6.01
N GLN C 140 -31.27 -42.54 -6.69
CA GLN C 140 -32.73 -42.37 -6.58
C GLN C 140 -33.42 -43.55 -7.22
N GLN C 141 -32.84 -44.00 -8.34
CA GLN C 141 -33.28 -45.19 -9.05
C GLN C 141 -33.13 -46.48 -8.21
N ASP C 142 -32.22 -46.50 -7.27
CA ASP C 142 -32.13 -47.67 -6.40
C ASP C 142 -33.16 -47.59 -5.32
N ILE C 143 -33.18 -46.44 -4.61
CA ILE C 143 -34.01 -46.34 -3.40
C ILE C 143 -35.51 -46.39 -3.70
N THR C 144 -35.87 -45.98 -4.91
CA THR C 144 -37.27 -46.06 -5.30
C THR C 144 -37.79 -47.51 -5.52
N LYS C 145 -36.89 -48.50 -5.55
CA LYS C 145 -37.28 -49.91 -5.70
C LYS C 145 -37.61 -50.46 -4.32
N PHE C 146 -37.39 -49.67 -3.26
CA PHE C 146 -37.61 -50.14 -1.89
C PHE C 146 -38.85 -49.47 -1.20
N ALA C 147 -39.66 -50.28 -0.50
CA ALA C 147 -40.80 -49.81 0.31
C ALA C 147 -40.46 -48.63 1.23
N GLU C 148 -39.32 -48.68 1.93
CA GLU C 148 -38.93 -47.60 2.83
C GLU C 148 -37.85 -46.65 2.22
N GLN C 149 -37.56 -46.82 0.93
CA GLN C 149 -36.62 -45.96 0.22
C GLN C 149 -35.28 -45.84 0.96
N ASP C 150 -34.79 -44.62 1.21
CA ASP C 150 -33.49 -44.52 1.89
C ASP C 150 -33.54 -44.79 3.42
N ASN C 151 -34.73 -45.07 3.97
CA ASN C 151 -34.81 -45.55 5.36
C ASN C 151 -34.75 -47.08 5.39
N THR C 152 -34.42 -47.72 4.27
CA THR C 152 -34.30 -49.15 4.26
C THR C 152 -33.10 -49.56 5.12
N VAL C 153 -33.26 -50.63 5.86
CA VAL C 153 -32.22 -51.05 6.82
C VAL C 153 -31.25 -52.00 6.16
N LEU C 154 -29.95 -51.74 6.28
CA LEU C 154 -28.94 -52.63 5.73
C LEU C 154 -28.21 -53.32 6.90
N GLY C 155 -27.80 -54.57 6.73
CA GLY C 155 -26.93 -55.18 7.72
C GLY C 155 -25.48 -54.98 7.28
N GLU C 156 -24.57 -55.38 8.13
CA GLU C 156 -23.17 -55.19 7.91
C GLU C 156 -22.84 -55.82 6.57
N GLY C 157 -22.08 -55.10 5.76
CA GLY C 157 -21.70 -55.58 4.43
C GLY C 157 -22.73 -55.35 3.34
N GLY C 158 -23.98 -55.04 3.69
CA GLY C 158 -25.06 -54.85 2.71
C GLY C 158 -25.07 -55.91 1.63
N VAL C 159 -25.11 -57.14 2.12
CA VAL C 159 -24.74 -58.35 1.37
C VAL C 159 -25.73 -58.71 0.22
N THR C 160 -27.02 -58.40 0.33
CA THR C 160 -27.99 -58.67 -0.76
C THR C 160 -28.09 -57.58 -1.86
N LEU C 161 -27.39 -56.47 -1.69
CA LEU C 161 -27.26 -55.42 -2.70
C LEU C 161 -26.32 -55.88 -3.81
N SER C 162 -26.42 -55.27 -5.00
CA SER C 162 -25.40 -55.51 -6.03
C SER C 162 -24.08 -54.78 -5.68
N GLY C 163 -23.01 -55.14 -6.38
CA GLY C 163 -21.72 -54.47 -6.22
C GLY C 163 -21.86 -52.98 -6.57
N GLY C 164 -22.57 -52.68 -7.65
CA GLY C 164 -22.71 -51.30 -8.09
C GLY C 164 -23.54 -50.50 -7.09
N GLN C 165 -24.56 -51.11 -6.48
CA GLN C 165 -25.34 -50.38 -5.43
C GLN C 165 -24.48 -50.09 -4.21
N ARG C 166 -23.68 -51.04 -3.75
CA ARG C 166 -22.74 -50.78 -2.62
C ARG C 166 -21.72 -49.64 -2.91
N ALA C 167 -21.12 -49.71 -4.09
CA ALA C 167 -20.20 -48.68 -4.52
C ALA C 167 -20.88 -47.30 -4.50
N ARG C 168 -22.08 -47.21 -5.04
CA ARG C 168 -22.79 -45.91 -5.04
C ARG C 168 -23.06 -45.38 -3.65
N ILE C 169 -23.46 -46.24 -2.72
CA ILE C 169 -23.74 -45.77 -1.37
C ILE C 169 -22.44 -45.30 -0.72
N SER C 170 -21.35 -46.02 -0.99
CA SER C 170 -20.11 -45.69 -0.31
C SER C 170 -19.41 -44.49 -1.02
N LEU C 171 -19.61 -44.34 -2.31
CA LEU C 171 -19.22 -43.11 -2.99
C LEU C 171 -20.04 -41.96 -2.43
N ALA C 172 -21.34 -42.12 -2.33
CA ALA C 172 -22.15 -41.01 -1.83
C ALA C 172 -21.67 -40.57 -0.44
N ARG C 173 -21.28 -41.54 0.39
CA ARG C 173 -20.75 -41.27 1.72
C ARG C 173 -19.48 -40.42 1.71
N ALA C 174 -18.51 -40.79 0.90
CA ALA C 174 -17.28 -40.02 0.72
C ALA C 174 -17.54 -38.59 0.20
N VAL C 175 -18.51 -38.44 -0.69
CA VAL C 175 -18.82 -37.16 -1.37
C VAL C 175 -19.66 -36.23 -0.45
N TYR C 176 -20.55 -36.81 0.36
CA TYR C 176 -21.32 -36.05 1.34
C TYR C 176 -20.44 -35.32 2.36
N LYS C 177 -19.42 -36.01 2.84
CA LYS C 177 -18.42 -35.39 3.67
C LYS C 177 -17.82 -34.13 2.97
N ASP C 178 -17.80 -33.02 3.69
CA ASP C 178 -17.20 -31.78 3.16
C ASP C 178 -15.71 -31.83 3.33
N ALA C 179 -14.96 -31.98 2.26
CA ALA C 179 -13.52 -32.09 2.48
C ALA C 179 -12.80 -31.16 1.57
N ASP C 180 -11.51 -30.99 1.81
CA ASP C 180 -10.67 -30.26 0.88
C ASP C 180 -10.17 -31.12 -0.28
N LEU C 181 -10.05 -32.43 -0.06
CA LEU C 181 -9.44 -33.30 -1.06
C LEU C 181 -10.15 -34.68 -1.04
N TYR C 182 -10.62 -35.11 -2.21
CA TYR C 182 -11.36 -36.37 -2.35
C TYR C 182 -10.53 -37.43 -3.09
N LEU C 183 -10.36 -38.58 -2.45
CA LEU C 183 -9.63 -39.72 -3.05
C LEU C 183 -10.59 -40.86 -3.36
N LEU C 184 -10.70 -41.19 -4.63
CA LEU C 184 -11.75 -42.04 -5.16
C LEU C 184 -11.06 -43.23 -5.86
N ASP C 185 -10.88 -44.33 -5.10
CA ASP C 185 -10.18 -45.52 -5.60
C ASP C 185 -11.12 -46.47 -6.36
N SER C 186 -11.16 -46.35 -7.69
CA SER C 186 -11.79 -47.33 -8.58
C SER C 186 -13.28 -47.62 -8.29
N PRO C 187 -14.12 -46.60 -8.11
CA PRO C 187 -15.54 -46.83 -7.92
C PRO C 187 -16.22 -47.39 -9.16
N PHE C 188 -15.67 -47.11 -10.33
CA PHE C 188 -16.32 -47.48 -11.58
C PHE C 188 -15.71 -48.78 -12.19
N GLY C 189 -15.96 -49.92 -11.52
CA GLY C 189 -15.52 -51.24 -11.96
C GLY C 189 -16.58 -52.34 -12.11
N TYR C 190 -17.87 -52.00 -12.11
CA TYR C 190 -18.95 -53.01 -12.14
C TYR C 190 -19.63 -53.17 -13.49
N LEU C 191 -20.64 -54.07 -13.52
CA LEU C 191 -21.31 -54.44 -14.78
C LEU C 191 -22.31 -53.43 -15.30
N ASP C 192 -22.88 -52.60 -14.41
CA ASP C 192 -23.94 -51.64 -14.80
C ASP C 192 -23.26 -50.35 -15.31
N VAL C 193 -22.67 -50.46 -16.49
CA VAL C 193 -21.75 -49.45 -17.01
C VAL C 193 -22.42 -48.15 -17.44
N PHE C 194 -23.66 -48.21 -17.92
CA PHE C 194 -24.44 -46.99 -18.24
C PHE C 194 -24.70 -46.13 -16.99
N THR C 195 -25.07 -46.77 -15.90
CA THR C 195 -25.24 -46.05 -14.64
C THR C 195 -23.91 -45.38 -14.21
N GLU C 196 -22.78 -46.08 -14.37
CA GLU C 196 -21.45 -45.52 -14.00
C GLU C 196 -21.06 -44.30 -14.87
N GLU C 197 -21.47 -44.35 -16.14
CA GLU C 197 -21.24 -43.23 -17.02
C GLU C 197 -21.93 -41.98 -16.53
N GLN C 198 -23.19 -42.13 -16.07
CA GLN C 198 -23.98 -41.03 -15.54
C GLN C 198 -23.39 -40.53 -14.23
N VAL C 199 -22.94 -41.45 -13.37
CA VAL C 199 -22.39 -41.08 -12.08
C VAL C 199 -21.14 -40.26 -12.33
N PHE C 200 -20.28 -40.71 -13.25
CA PHE C 200 -19.03 -39.96 -13.47
C PHE C 200 -19.30 -38.49 -13.89
N GLU C 201 -20.28 -38.30 -14.75
CA GLU C 201 -20.65 -36.98 -15.26
C GLU C 201 -21.37 -36.18 -14.17
N SER C 202 -22.44 -36.72 -13.61
CA SER C 202 -23.18 -35.97 -12.62
C SER C 202 -22.43 -35.74 -11.34
N CYS C 203 -21.78 -36.78 -10.82
CA CYS C 203 -21.15 -36.60 -9.50
C CYS C 203 -19.74 -36.02 -9.64
N VAL C 204 -18.84 -36.78 -10.30
CA VAL C 204 -17.42 -36.42 -10.37
C VAL C 204 -17.14 -35.13 -11.20
N CYS C 205 -17.73 -34.98 -12.40
CA CYS C 205 -17.47 -33.78 -13.22
C CYS C 205 -18.29 -32.57 -12.75
N LYS C 206 -19.58 -32.72 -12.50
CA LYS C 206 -20.49 -31.60 -12.21
C LYS C 206 -20.61 -31.21 -10.75
N LEU C 207 -21.17 -32.08 -9.92
CA LEU C 207 -21.28 -31.80 -8.47
C LEU C 207 -19.98 -31.44 -7.76
N MET C 208 -18.91 -32.16 -8.08
CA MET C 208 -17.63 -31.92 -7.44
C MET C 208 -16.65 -31.04 -8.24
N ALA C 209 -17.16 -30.37 -9.28
CA ALA C 209 -16.33 -29.47 -10.12
C ALA C 209 -15.30 -28.59 -9.41
N ASN C 210 -15.63 -28.10 -8.23
CA ASN C 210 -14.71 -27.21 -7.54
C ASN C 210 -13.93 -27.88 -6.42
N LYS C 211 -14.01 -29.20 -6.30
CA LYS C 211 -13.21 -29.86 -5.25
C LYS C 211 -12.06 -30.60 -5.88
N THR C 212 -10.87 -30.40 -5.36
CA THR C 212 -9.73 -31.16 -5.80
C THR C 212 -10.06 -32.64 -5.59
N ARG C 213 -9.90 -33.45 -6.65
CA ARG C 213 -10.23 -34.86 -6.56
C ARG C 213 -9.30 -35.78 -7.36
N ILE C 214 -8.94 -36.91 -6.75
CA ILE C 214 -8.16 -37.93 -7.41
C ILE C 214 -9.01 -39.18 -7.70
N LEU C 215 -9.12 -39.53 -8.97
CA LEU C 215 -9.86 -40.69 -9.35
C LEU C 215 -8.96 -41.79 -9.93
N VAL C 216 -8.94 -42.95 -9.28
CA VAL C 216 -8.27 -44.12 -9.87
C VAL C 216 -9.28 -44.78 -10.76
N THR C 217 -8.87 -45.04 -11.99
CA THR C 217 -9.82 -45.46 -12.99
C THR C 217 -9.17 -46.40 -14.02
N SER C 218 -9.98 -47.15 -14.76
CA SER C 218 -9.52 -47.87 -15.97
C SER C 218 -10.34 -47.49 -17.23
N LYS C 219 -11.00 -46.33 -17.21
CA LYS C 219 -11.79 -45.84 -18.35
C LYS C 219 -11.13 -44.67 -19.01
N MET C 220 -11.11 -44.68 -20.35
CA MET C 220 -10.34 -43.68 -21.10
C MET C 220 -11.08 -42.36 -21.14
N GLU C 221 -12.40 -42.42 -21.10
CA GLU C 221 -13.21 -41.19 -20.89
C GLU C 221 -12.75 -40.36 -19.68
N HIS C 222 -12.41 -41.01 -18.56
CA HIS C 222 -11.99 -40.29 -17.35
C HIS C 222 -10.63 -39.56 -17.49
N LEU C 223 -9.72 -40.13 -18.29
CA LEU C 223 -8.47 -39.46 -18.68
C LEU C 223 -8.76 -38.24 -19.62
N ARG C 224 -9.66 -38.42 -20.59
CA ARG C 224 -10.07 -37.38 -21.49
C ARG C 224 -10.67 -36.13 -20.81
N LYS C 225 -11.47 -36.32 -19.76
CA LYS C 225 -12.05 -35.20 -18.99
C LYS C 225 -11.22 -34.74 -17.81
N ALA C 226 -10.11 -35.43 -17.52
CA ALA C 226 -9.29 -35.08 -16.34
C ALA C 226 -8.49 -33.82 -16.66
N ASP C 227 -8.17 -33.03 -15.63
CA ASP C 227 -7.27 -31.91 -15.82
C ASP C 227 -5.83 -32.41 -15.87
N LYS C 228 -5.51 -33.46 -15.11
CA LYS C 228 -4.18 -34.08 -15.15
C LYS C 228 -4.32 -35.60 -15.08
N ILE C 229 -3.31 -36.30 -15.62
CA ILE C 229 -3.27 -37.75 -15.70
C ILE C 229 -1.97 -38.27 -15.16
N LEU C 230 -2.02 -39.33 -14.37
CA LEU C 230 -0.82 -40.05 -13.96
C LEU C 230 -0.99 -41.51 -14.34
N ILE C 231 -0.02 -42.09 -15.05
CA ILE C 231 -0.05 -43.51 -15.35
C ILE C 231 1.09 -44.18 -14.64
N LEU C 232 0.74 -45.20 -13.85
CA LEU C 232 1.69 -46.01 -13.06
C LEU C 232 1.99 -47.40 -13.68
N HIS C 233 3.25 -47.84 -13.54
CA HIS C 233 3.64 -49.21 -13.93
C HIS C 233 4.81 -49.65 -13.09
N GLN C 234 4.60 -50.69 -12.30
CA GLN C 234 5.64 -51.21 -11.42
C GLN C 234 6.32 -50.13 -10.58
N GLY C 235 5.55 -49.43 -9.73
CA GLY C 235 6.13 -48.43 -8.84
C GLY C 235 6.54 -47.09 -9.46
N SER C 236 6.41 -47.01 -10.76
CA SER C 236 7.04 -45.96 -11.51
C SER C 236 6.07 -45.17 -12.38
N SER C 237 6.37 -43.88 -12.52
CA SER C 237 5.61 -42.99 -13.37
C SER C 237 5.92 -43.20 -14.83
N TYR C 238 5.02 -43.90 -15.53
CA TYR C 238 5.06 -44.06 -16.97
C TYR C 238 4.77 -42.77 -17.70
N PHE C 239 3.88 -41.96 -17.15
CA PHE C 239 3.43 -40.70 -17.78
C PHE C 239 2.72 -39.80 -16.76
N TYR C 240 3.05 -38.51 -16.75
CA TYR C 240 2.35 -37.52 -15.97
C TYR C 240 2.21 -36.27 -16.83
N GLY C 241 0.98 -35.82 -17.04
CA GLY C 241 0.69 -34.65 -17.86
C GLY C 241 -0.79 -34.53 -18.16
N THR C 242 -1.15 -33.70 -19.14
CA THR C 242 -2.53 -33.54 -19.55
C THR C 242 -2.78 -34.58 -20.60
N PHE C 243 -4.02 -34.71 -21.05
CA PHE C 243 -4.42 -35.72 -22.05
C PHE C 243 -3.80 -35.43 -23.43
N SER C 244 -3.68 -34.14 -23.73
CA SER C 244 -3.09 -33.72 -25.00
C SER C 244 -1.63 -34.14 -25.02
N GLU C 245 -0.92 -33.84 -23.95
CA GLU C 245 0.45 -34.31 -23.82
C GLU C 245 0.58 -35.85 -23.91
N LEU C 246 -0.48 -36.59 -23.59
CA LEU C 246 -0.43 -38.06 -23.68
C LEU C 246 -0.50 -38.54 -25.13
N GLN C 247 -1.34 -37.90 -25.93
CA GLN C 247 -1.46 -38.33 -27.32
C GLN C 247 -0.17 -38.10 -28.13
N SER C 248 0.63 -37.13 -27.74
CA SER C 248 1.82 -36.74 -28.50
C SER C 248 3.14 -37.25 -27.93
N LEU C 249 3.21 -37.39 -26.61
CA LEU C 249 4.39 -37.89 -25.93
C LEU C 249 4.32 -39.38 -25.64
N ARG C 250 3.12 -39.96 -25.72
CA ARG C 250 2.95 -41.41 -25.70
C ARG C 250 2.00 -41.82 -26.82
N PRO C 251 2.40 -41.62 -28.08
CA PRO C 251 1.54 -41.91 -29.21
C PRO C 251 1.24 -43.40 -29.36
N ASP C 252 2.16 -44.28 -28.96
CA ASP C 252 1.90 -45.70 -29.14
C ASP C 252 0.86 -46.20 -28.14
N PHE C 253 1.04 -45.81 -26.88
CA PHE C 253 0.07 -46.13 -25.83
C PHE C 253 -1.27 -45.59 -26.28
N SER C 254 -1.31 -44.30 -26.62
CA SER C 254 -2.58 -43.65 -26.96
C SER C 254 -3.27 -44.31 -28.13
N SER C 255 -2.50 -44.67 -29.16
CA SER C 255 -3.05 -45.26 -30.37
C SER C 255 -3.68 -46.61 -30.13
N LYS C 256 -3.04 -47.44 -29.31
CA LYS C 256 -3.63 -48.71 -28.89
C LYS C 256 -4.92 -48.48 -28.09
N LEU C 257 -4.87 -47.66 -27.05
CA LEU C 257 -6.06 -47.46 -26.19
C LEU C 257 -7.25 -46.76 -26.83
N MET C 258 -6.98 -45.75 -27.63
CA MET C 258 -8.06 -45.02 -28.29
C MET C 258 -8.51 -45.74 -29.54
N GLY C 259 -7.84 -46.82 -29.89
CA GLY C 259 -8.18 -47.59 -31.08
C GLY C 259 -9.44 -48.45 -30.96
N TYR C 260 -9.94 -48.65 -29.74
CA TYR C 260 -11.14 -49.48 -29.55
C TYR C 260 -12.39 -48.62 -29.68
N ASP C 261 -13.49 -49.16 -30.19
CA ASP C 261 -14.72 -48.35 -30.32
C ASP C 261 -15.32 -48.07 -28.94
N THR C 262 -15.34 -49.07 -28.06
CA THR C 262 -16.04 -48.96 -26.78
C THR C 262 -15.29 -49.67 -25.67
N PHE C 263 -14.01 -49.38 -25.55
CA PHE C 263 -13.13 -49.89 -24.50
C PHE C 263 -13.75 -49.71 -23.08
N ASP C 264 -14.37 -48.57 -22.83
CA ASP C 264 -14.85 -48.23 -21.49
C ASP C 264 -16.02 -49.09 -21.08
N GLN C 265 -16.59 -49.81 -22.04
CA GLN C 265 -17.68 -50.76 -21.78
C GLN C 265 -17.26 -52.24 -21.70
N PHE C 266 -15.96 -52.51 -21.88
CA PHE C 266 -15.37 -53.82 -21.49
C PHE C 266 -15.44 -54.00 -19.99
N THR C 267 -15.28 -55.23 -19.48
CA THR C 267 -15.28 -55.44 -18.06
C THR C 267 -14.04 -54.76 -17.51
N GLU C 268 -14.06 -54.46 -16.22
CA GLU C 268 -12.92 -53.91 -15.54
C GLU C 268 -11.64 -54.80 -15.68
N GLU C 269 -11.86 -56.11 -15.68
CA GLU C 269 -10.76 -57.10 -15.85
C GLU C 269 -10.15 -56.98 -17.27
N ARG C 270 -10.97 -56.99 -18.31
CA ARG C 270 -10.42 -56.79 -19.64
C ARG C 270 -9.75 -55.41 -19.83
N ARG C 271 -10.37 -54.35 -19.32
CA ARG C 271 -9.71 -53.04 -19.36
C ARG C 271 -8.30 -53.02 -18.73
N SER C 272 -8.20 -53.52 -17.50
CA SER C 272 -6.90 -53.44 -16.83
C SER C 272 -5.87 -54.37 -17.52
N SER C 273 -6.40 -55.43 -18.11
CA SER C 273 -5.55 -56.38 -18.85
C SER C 273 -4.99 -55.75 -20.11
N ILE C 274 -5.82 -55.05 -20.88
CA ILE C 274 -5.32 -54.37 -22.07
C ILE C 274 -4.32 -53.29 -21.69
N LEU C 275 -4.61 -52.52 -20.62
CA LEU C 275 -3.71 -51.49 -20.09
C LEU C 275 -2.32 -52.08 -19.68
N THR C 276 -2.29 -53.13 -18.89
CA THR C 276 -1.06 -53.81 -18.48
C THR C 276 -0.22 -54.24 -19.73
N GLU C 277 -0.83 -54.91 -20.70
CA GLU C 277 -0.11 -55.33 -21.89
C GLU C 277 0.42 -54.20 -22.72
N THR C 278 -0.34 -53.12 -22.82
CA THR C 278 0.08 -51.97 -23.57
C THR C 278 1.28 -51.32 -22.85
N LEU C 279 1.19 -51.24 -21.54
CA LEU C 279 2.24 -50.63 -20.76
C LEU C 279 3.54 -51.44 -20.89
N ARG C 280 3.42 -52.77 -20.98
CA ARG C 280 4.56 -53.68 -21.04
C ARG C 280 5.29 -53.65 -22.38
N ARG C 281 4.52 -53.48 -23.44
CA ARG C 281 5.03 -53.39 -24.79
C ARG C 281 5.88 -52.14 -24.94
N PHE C 282 5.30 -51.00 -24.62
CA PHE C 282 5.94 -49.70 -24.86
C PHE C 282 6.59 -49.13 -23.59
N SER C 283 7.75 -49.67 -23.24
CA SER C 283 8.63 -49.13 -22.19
C SER C 283 8.00 -49.06 -20.77
N THR D 3 1.52 3.20 21.84
CA THR D 3 1.04 4.54 21.38
C THR D 3 1.60 5.69 22.26
N GLY D 4 1.03 5.91 23.44
CA GLY D 4 1.45 7.00 24.33
C GLY D 4 2.35 6.44 25.40
N ILE D 5 2.16 6.83 26.66
CA ILE D 5 2.88 6.16 27.76
C ILE D 5 2.02 5.91 29.03
N ILE D 6 2.14 4.70 29.59
CA ILE D 6 1.36 4.28 30.77
C ILE D 6 2.27 3.78 31.87
N MET D 7 2.01 4.22 33.10
CA MET D 7 2.60 3.59 34.30
C MET D 7 1.48 3.13 35.23
N GLU D 8 1.53 1.86 35.62
CA GLU D 8 0.51 1.31 36.51
C GLU D 8 1.14 0.87 37.80
N ASN D 9 0.77 1.56 38.89
CA ASN D 9 1.35 1.32 40.22
C ASN D 9 2.83 0.94 40.27
N VAL D 10 3.69 1.84 39.79
CA VAL D 10 5.11 1.58 39.66
C VAL D 10 5.83 2.02 40.93
N THR D 11 6.72 1.15 41.43
CA THR D 11 7.59 1.45 42.53
C THR D 11 9.01 1.05 42.08
N ALA D 12 10.01 1.83 42.46
CA ALA D 12 11.37 1.54 42.11
C ALA D 12 12.23 1.89 43.33
N PHE D 13 13.27 1.09 43.55
CA PHE D 13 14.15 1.21 44.72
C PHE D 13 15.54 1.74 44.35
N TRP D 14 16.19 2.37 45.33
CA TRP D 14 17.58 2.81 45.21
C TRP D 14 18.49 1.62 44.95
N GLU D 15 19.35 1.75 43.95
CA GLU D 15 20.36 0.74 43.63
C GLU D 15 21.72 1.36 43.44
N GLU D 16 22.73 0.58 43.79
CA GLU D 16 24.10 1.03 43.69
C GLU D 16 24.32 1.53 42.26
N GLY D 17 25.00 2.66 42.13
CA GLY D 17 25.21 3.25 40.82
C GLY D 17 24.23 4.32 40.37
N PHE D 18 22.97 4.24 40.82
CA PHE D 18 21.93 5.19 40.42
C PHE D 18 22.28 6.63 40.84
N GLY D 19 22.71 6.75 42.09
CA GLY D 19 23.25 7.99 42.63
C GLY D 19 24.24 8.71 41.73
N GLU D 20 25.19 7.95 41.18
CA GLU D 20 26.17 8.48 40.24
C GLU D 20 25.49 9.07 39.02
N LEU D 21 24.58 8.30 38.42
CA LEU D 21 23.84 8.73 37.23
C LEU D 21 23.13 10.06 37.44
N LEU D 22 22.31 10.13 38.48
CA LEU D 22 21.48 11.28 38.70
C LEU D 22 22.31 12.57 38.79
N GLU D 23 23.47 12.47 39.41
CA GLU D 23 24.39 13.60 39.55
C GLU D 23 24.85 14.10 38.18
N LYS D 24 25.27 13.16 37.34
CA LYS D 24 25.74 13.49 35.99
C LYS D 24 24.64 14.14 35.14
N VAL D 25 23.42 13.65 35.28
CA VAL D 25 22.28 14.14 34.51
C VAL D 25 21.55 15.34 35.15
N PHE D 43 25.68 7.17 48.59
CA PHE D 43 24.28 6.80 48.37
C PHE D 43 23.94 5.42 48.95
N SER D 44 24.97 4.73 49.44
CA SER D 44 24.86 3.32 49.81
C SER D 44 23.93 3.00 50.96
N HIS D 45 23.59 4.03 51.76
CA HIS D 45 22.67 3.84 52.89
C HIS D 45 21.21 3.64 52.49
N LEU D 46 20.78 4.34 51.44
CA LEU D 46 19.47 4.12 50.80
C LEU D 46 19.36 2.76 50.12
N CYS D 47 20.44 2.29 49.49
CA CYS D 47 20.47 0.95 48.90
C CYS D 47 20.42 -0.11 50.01
N LEU D 48 21.24 0.08 51.03
CA LEU D 48 21.33 -0.88 52.12
C LEU D 48 19.98 -1.13 52.77
N VAL D 49 19.30 -0.04 53.12
CA VAL D 49 18.11 -0.12 53.95
C VAL D 49 16.86 -0.48 53.13
N GLY D 50 16.98 -0.38 51.80
CA GLY D 50 15.93 -0.86 50.91
C GLY D 50 14.86 0.19 50.62
N ASN D 51 15.29 1.39 50.30
CA ASN D 51 14.41 2.53 50.19
C ASN D 51 13.96 2.85 48.76
N PRO D 52 12.67 3.13 48.58
CA PRO D 52 12.10 3.35 47.25
C PRO D 52 12.53 4.72 46.77
N VAL D 53 12.82 4.87 45.48
CA VAL D 53 13.06 6.20 44.92
C VAL D 53 11.71 6.78 44.46
N LEU D 54 10.80 5.89 44.06
CA LEU D 54 9.49 6.28 43.58
C LEU D 54 8.55 5.18 44.01
N LYS D 55 7.38 5.59 44.48
CA LYS D 55 6.47 4.69 45.15
C LYS D 55 5.09 4.88 44.58
N ASN D 56 4.49 3.79 44.10
CA ASN D 56 3.11 3.79 43.59
C ASN D 56 2.74 4.80 42.50
N ILE D 57 3.57 4.92 41.47
CA ILE D 57 3.36 5.97 40.46
C ILE D 57 2.36 5.55 39.40
N ASN D 58 1.37 6.40 39.15
CA ASN D 58 0.42 6.12 38.08
C ASN D 58 0.33 7.28 37.11
N LEU D 59 0.39 6.95 35.82
CA LEU D 59 0.06 7.92 34.77
C LEU D 59 -0.37 7.21 33.49
N ASN D 60 -1.11 7.95 32.66
CA ASN D 60 -1.66 7.44 31.41
C ASN D 60 -1.82 8.63 30.44
N ILE D 61 -0.88 8.71 29.49
CA ILE D 61 -0.73 9.85 28.56
C ILE D 61 -0.99 9.35 27.16
N GLU D 62 -1.88 10.01 26.43
CA GLU D 62 -2.22 9.57 25.06
C GLU D 62 -1.21 10.12 24.06
N LYS D 63 -1.09 9.46 22.92
CA LYS D 63 -0.28 9.97 21.82
C LYS D 63 -0.62 11.45 21.59
N GLY D 64 0.41 12.29 21.48
CA GLY D 64 0.20 13.70 21.19
C GLY D 64 -0.16 14.59 22.37
N GLU D 65 -0.27 14.03 23.58
CA GLU D 65 -0.50 14.84 24.79
C GLU D 65 0.81 15.29 25.48
N MET D 66 0.76 16.40 26.22
CA MET D 66 1.84 16.77 27.12
C MET D 66 1.53 16.54 28.59
N LEU D 67 2.48 15.93 29.29
CA LEU D 67 2.47 15.78 30.73
C LEU D 67 3.45 16.79 31.34
N ALA D 68 2.95 17.65 32.22
CA ALA D 68 3.81 18.48 33.02
C ALA D 68 4.11 17.76 34.36
N ILE D 69 5.39 17.60 34.70
CA ILE D 69 5.80 17.08 36.01
C ILE D 69 6.46 18.16 36.81
N THR D 70 5.91 18.47 37.97
CA THR D 70 6.61 19.32 38.94
C THR D 70 6.66 18.69 40.36
N GLY D 71 7.14 19.43 41.37
CA GLY D 71 7.16 18.97 42.75
C GLY D 71 8.23 19.69 43.59
N SER D 72 8.55 19.14 44.76
CA SER D 72 9.61 19.76 45.59
C SER D 72 10.94 19.33 45.02
N THR D 73 12.01 19.89 45.55
CA THR D 73 13.33 19.52 45.04
C THR D 73 13.74 18.11 45.52
N GLY D 74 14.52 17.41 44.69
CA GLY D 74 14.87 16.03 44.94
C GLY D 74 13.72 15.05 45.15
N SER D 75 12.55 15.34 44.59
CA SER D 75 11.37 14.50 44.80
C SER D 75 11.23 13.33 43.86
N GLY D 76 12.24 13.09 43.01
CA GLY D 76 12.22 11.97 42.08
C GLY D 76 11.74 12.29 40.66
N LYS D 77 11.74 13.57 40.29
CA LYS D 77 11.27 13.99 38.97
C LYS D 77 12.12 13.50 37.80
N THR D 78 13.44 13.67 37.89
CA THR D 78 14.44 13.09 36.96
C THR D 78 14.38 11.57 36.99
N SER D 79 14.23 11.00 38.19
CA SER D 79 14.16 9.55 38.34
C SER D 79 13.04 8.94 37.52
N LEU D 80 11.89 9.59 37.48
CA LEU D 80 10.80 9.11 36.65
C LEU D 80 11.26 9.01 35.18
N LEU D 81 11.88 10.06 34.68
CA LEU D 81 12.43 10.06 33.32
C LEU D 81 13.45 8.92 33.16
N MET D 82 14.33 8.73 34.13
CA MET D 82 15.30 7.62 34.09
C MET D 82 14.63 6.23 33.96
N LEU D 83 13.45 6.09 34.60
CA LEU D 83 12.64 4.88 34.51
C LEU D 83 12.22 4.67 33.06
N ILE D 84 11.84 5.77 32.40
CA ILE D 84 11.39 5.70 31.02
C ILE D 84 12.54 5.34 30.10
N LEU D 85 13.70 5.93 30.36
CA LEU D 85 14.89 5.56 29.64
C LEU D 85 15.38 4.15 29.95
N GLY D 86 14.70 3.43 30.85
CA GLY D 86 15.17 2.13 31.26
C GLY D 86 16.48 2.20 32.01
N GLU D 87 16.80 3.34 32.64
CA GLU D 87 18.05 3.42 33.44
C GLU D 87 17.81 3.06 34.92
N LEU D 88 16.56 3.03 35.33
CA LEU D 88 16.20 2.64 36.68
C LEU D 88 15.10 1.61 36.50
N GLU D 89 15.19 0.54 37.28
CA GLU D 89 14.35 -0.60 37.00
C GLU D 89 13.10 -0.52 37.86
N ALA D 90 11.94 -0.79 37.29
CA ALA D 90 10.76 -0.85 38.12
C ALA D 90 10.78 -2.17 38.94
N SER D 91 10.43 -2.10 40.20
CA SER D 91 10.32 -3.31 41.02
C SER D 91 8.90 -3.85 41.03
N GLU D 92 7.94 -2.95 41.18
CA GLU D 92 6.53 -3.28 41.02
C GLU D 92 5.99 -2.45 39.87
N GLY D 93 4.88 -2.91 39.31
CA GLY D 93 4.10 -2.11 38.39
C GLY D 93 4.44 -2.35 36.93
N ILE D 94 3.63 -1.77 36.05
CA ILE D 94 3.86 -1.89 34.62
C ILE D 94 4.14 -0.52 33.98
N ILE D 95 5.20 -0.44 33.18
CA ILE D 95 5.34 0.69 32.29
C ILE D 95 5.21 0.28 30.82
N LYS D 96 4.26 0.90 30.15
CA LYS D 96 4.01 0.63 28.74
C LYS D 96 4.36 1.88 27.95
N HIS D 97 5.28 1.73 27.01
CA HIS D 97 5.53 2.72 25.97
C HIS D 97 6.37 2.03 24.91
N SER D 98 6.10 2.36 23.64
CA SER D 98 6.87 1.79 22.54
C SER D 98 7.35 2.95 21.68
N GLY D 99 8.52 2.82 21.10
CA GLY D 99 9.01 3.82 20.18
C GLY D 99 10.34 4.47 20.53
N ARG D 100 10.74 5.41 19.70
CA ARG D 100 11.95 6.15 19.99
C ARG D 100 11.63 7.17 21.09
N VAL D 101 12.58 7.39 21.97
CA VAL D 101 12.53 8.52 22.90
C VAL D 101 13.77 9.45 22.72
N SER D 102 13.53 10.75 22.82
CA SER D 102 14.56 11.76 22.78
C SER D 102 14.56 12.43 24.17
N PHE D 103 15.71 12.46 24.82
CA PHE D 103 15.85 12.98 26.19
C PHE D 103 16.70 14.22 26.10
N CYS D 104 16.19 15.31 26.68
CA CYS D 104 16.94 16.55 26.86
C CYS D 104 17.17 16.75 28.37
N SER D 105 18.43 16.59 28.78
CA SER D 105 18.80 16.63 30.21
C SER D 105 18.87 18.03 30.72
N GLN D 106 18.70 18.16 32.03
CA GLN D 106 18.78 19.42 32.73
C GLN D 106 20.23 19.91 32.57
N PHE D 107 21.18 18.98 32.59
CA PHE D 107 22.53 19.30 32.17
C PHE D 107 22.66 19.52 30.64
N SER D 108 23.01 20.74 30.24
CA SER D 108 23.11 21.12 28.82
C SER D 108 24.45 20.79 28.27
N TRP D 109 24.61 19.64 27.64
CA TRP D 109 25.93 19.25 27.17
C TRP D 109 26.20 19.82 25.78
N ILE D 110 27.45 20.23 25.57
CA ILE D 110 27.90 20.79 24.32
C ILE D 110 29.18 20.12 23.91
N MET D 111 29.20 19.53 22.72
CA MET D 111 30.37 18.81 22.22
C MET D 111 31.22 19.76 21.33
N PRO D 112 32.54 19.51 21.16
CA PRO D 112 33.36 20.34 20.25
C PRO D 112 32.79 20.26 18.85
N GLY D 113 32.66 21.37 18.14
CA GLY D 113 31.93 21.42 16.87
C GLY D 113 31.09 22.68 16.74
N THR D 114 30.48 22.90 15.59
CA THR D 114 29.67 24.10 15.39
C THR D 114 28.34 23.98 16.14
N ILE D 115 27.64 25.10 16.24
CA ILE D 115 26.29 25.11 16.78
C ILE D 115 25.42 24.13 16.00
N LYS D 116 25.50 24.21 14.66
CA LYS D 116 24.71 23.33 13.80
C LYS D 116 25.06 21.87 14.04
N GLU D 117 26.35 21.54 14.07
CA GLU D 117 26.77 20.14 14.35
C GLU D 117 26.22 19.66 15.67
N ASN D 118 26.16 20.55 16.66
CA ASN D 118 25.68 20.18 17.99
C ASN D 118 24.22 19.80 17.99
N ILE D 119 23.43 20.47 17.14
CA ILE D 119 21.98 20.32 17.12
C ILE D 119 21.59 19.05 16.36
N ILE D 120 22.34 18.78 15.30
CA ILE D 120 22.09 17.70 14.39
C ILE D 120 22.84 16.39 14.72
N PHE D 121 23.62 16.42 15.80
CA PHE D 121 24.65 15.44 16.10
C PHE D 121 24.26 13.99 15.85
N GLY D 122 24.83 13.40 14.81
CA GLY D 122 24.66 11.98 14.56
C GLY D 122 23.33 11.60 13.96
N VAL D 123 22.60 12.59 13.42
CA VAL D 123 21.30 12.38 12.77
C VAL D 123 21.38 12.91 11.32
N SER D 124 20.49 12.43 10.44
CA SER D 124 20.56 12.82 9.03
C SER D 124 20.12 14.27 8.85
N TYR D 125 20.89 15.04 8.09
CA TYR D 125 20.61 16.45 7.93
C TYR D 125 19.37 16.71 7.08
N ASP D 126 18.53 17.63 7.53
CA ASP D 126 17.29 17.98 6.83
C ASP D 126 17.07 19.49 6.93
N GLU D 127 17.27 20.18 5.80
CA GLU D 127 17.36 21.63 5.82
C GLU D 127 16.11 22.27 6.37
N TYR D 128 14.95 21.89 5.85
CA TYR D 128 13.68 22.55 6.30
C TYR D 128 13.37 22.22 7.79
N ARG D 129 13.60 21.00 8.24
CA ARG D 129 13.34 20.64 9.66
C ARG D 129 14.29 21.40 10.59
N TYR D 130 15.54 21.49 10.18
CA TYR D 130 16.56 22.15 10.98
C TYR D 130 16.20 23.61 11.20
N LYS D 131 15.87 24.31 10.09
CA LYS D 131 15.45 25.72 10.17
C LYS D 131 14.23 25.91 11.08
N SER D 132 13.26 25.03 10.96
CA SER D 132 12.03 25.23 11.69
C SER D 132 12.28 24.97 13.20
N VAL D 133 13.21 24.09 13.52
CA VAL D 133 13.49 23.78 14.93
C VAL D 133 14.30 24.94 15.54
N VAL D 134 15.26 25.44 14.80
CA VAL D 134 16.09 26.56 15.24
C VAL D 134 15.24 27.76 15.55
N LYS D 135 14.27 28.01 14.66
CA LYS D 135 13.37 29.16 14.80
C LYS D 135 12.44 29.01 16.01
N ALA D 136 11.83 27.84 16.16
CA ALA D 136 10.86 27.63 17.24
C ALA D 136 11.55 27.64 18.63
N CYS D 137 12.83 27.28 18.68
CA CYS D 137 13.63 27.27 19.90
C CYS D 137 14.27 28.63 20.14
N GLN D 138 13.95 29.64 19.32
CA GLN D 138 14.30 31.05 19.57
C GLN D 138 15.83 31.22 19.54
N LEU D 139 16.49 30.45 18.67
CA LEU D 139 17.91 30.46 18.53
C LEU D 139 18.36 31.41 17.43
N GLN D 140 17.45 31.79 16.53
CA GLN D 140 17.83 32.68 15.46
C GLN D 140 18.34 34.02 16.04
N GLN D 141 17.74 34.47 17.15
CA GLN D 141 18.18 35.67 17.83
C GLN D 141 19.62 35.48 18.33
N ASP D 142 20.02 34.27 18.69
CA ASP D 142 21.37 34.07 19.20
C ASP D 142 22.38 34.00 18.03
N ILE D 143 22.14 33.13 17.05
CA ILE D 143 23.13 32.91 15.98
C ILE D 143 23.39 34.17 15.14
N THR D 144 22.40 35.06 15.11
CA THR D 144 22.53 36.31 14.38
C THR D 144 23.49 37.32 15.03
N LYS D 145 23.87 37.06 16.27
CA LYS D 145 24.87 37.87 16.94
C LYS D 145 26.28 37.45 16.52
N PHE D 146 26.42 36.33 15.82
CA PHE D 146 27.75 35.76 15.57
C PHE D 146 28.12 35.91 14.11
N ALA D 147 29.40 36.20 13.83
CA ALA D 147 29.87 36.38 12.44
C ALA D 147 29.58 35.19 11.54
N GLU D 148 29.75 33.97 12.07
CA GLU D 148 29.50 32.80 11.27
C GLU D 148 28.15 32.15 11.64
N GLN D 149 27.33 32.86 12.39
CA GLN D 149 26.05 32.33 12.81
C GLN D 149 26.11 30.85 13.29
N ASP D 150 25.41 30.02 12.55
CA ASP D 150 25.18 28.60 12.71
C ASP D 150 26.49 27.80 12.58
N ASN D 151 27.43 28.32 11.80
CA ASN D 151 28.75 27.68 11.70
C ASN D 151 29.76 28.19 12.69
N THR D 152 29.31 28.86 13.74
CA THR D 152 30.19 29.24 14.86
C THR D 152 30.68 27.98 15.58
N VAL D 153 31.99 27.93 15.87
CA VAL D 153 32.63 26.77 16.47
C VAL D 153 32.55 26.93 18.00
N LEU D 154 32.12 25.86 18.68
CA LEU D 154 32.13 25.86 20.15
C LEU D 154 33.15 24.84 20.61
N GLY D 155 33.77 25.13 21.73
CA GLY D 155 34.50 24.11 22.47
C GLY D 155 33.57 23.31 23.38
N GLU D 156 34.11 22.22 23.90
CA GLU D 156 33.42 21.32 24.80
C GLU D 156 32.80 22.11 25.92
N GLY D 157 31.58 21.76 26.33
CA GLY D 157 30.91 22.60 27.32
C GLY D 157 30.40 23.98 26.87
N GLY D 158 30.83 24.52 25.72
CA GLY D 158 30.27 25.82 25.31
C GLY D 158 30.28 26.90 26.41
N VAL D 159 31.47 27.05 27.00
CA VAL D 159 31.68 27.73 28.26
C VAL D 159 31.44 29.24 28.30
N THR D 160 31.69 29.96 27.19
CA THR D 160 31.45 31.40 27.13
C THR D 160 30.00 31.80 26.74
N LEU D 161 29.15 30.81 26.46
CA LEU D 161 27.74 31.06 26.16
C LEU D 161 27.04 31.33 27.48
N SER D 162 25.77 31.75 27.47
CA SER D 162 25.01 31.82 28.71
C SER D 162 24.35 30.45 28.94
N GLY D 163 23.83 30.22 30.15
CA GLY D 163 23.01 29.05 30.42
C GLY D 163 21.82 28.92 29.47
N GLY D 164 21.11 30.02 29.22
CA GLY D 164 19.98 30.06 28.27
C GLY D 164 20.40 29.53 26.91
N GLN D 165 21.51 30.02 26.36
CA GLN D 165 21.97 29.69 25.00
C GLN D 165 22.30 28.19 24.90
N ARG D 166 22.93 27.70 25.96
CA ARG D 166 23.29 26.30 26.03
C ARG D 166 22.03 25.45 26.10
N ALA D 167 21.09 25.83 26.97
CA ALA D 167 19.82 25.08 27.07
C ALA D 167 19.01 25.12 25.75
N ARG D 168 18.99 26.26 25.07
CA ARG D 168 18.28 26.28 23.77
C ARG D 168 18.92 25.33 22.74
N ILE D 169 20.24 25.34 22.65
CA ILE D 169 20.95 24.46 21.70
C ILE D 169 20.65 23.00 22.08
N SER D 170 20.64 22.75 23.39
CA SER D 170 20.41 21.42 23.88
C SER D 170 18.95 20.98 23.65
N LEU D 171 17.99 21.90 23.83
CA LEU D 171 16.61 21.60 23.45
C LEU D 171 16.45 21.33 21.95
N ALA D 172 17.02 22.23 21.16
CA ALA D 172 16.96 22.10 19.69
C ALA D 172 17.42 20.72 19.27
N ARG D 173 18.52 20.24 19.87
CA ARG D 173 19.06 18.89 19.57
C ARG D 173 18.02 17.80 19.83
N ALA D 174 17.37 17.88 20.99
CA ALA D 174 16.44 16.84 21.39
C ALA D 174 15.17 16.89 20.53
N VAL D 175 14.76 18.08 20.12
CA VAL D 175 13.53 18.33 19.35
C VAL D 175 13.76 17.97 17.85
N TYR D 176 14.98 18.23 17.34
CA TYR D 176 15.37 17.86 15.98
C TYR D 176 15.33 16.37 15.75
N LYS D 177 15.76 15.60 16.76
CA LYS D 177 15.71 14.16 16.66
C LYS D 177 14.25 13.72 16.48
N ASP D 178 14.01 12.80 15.55
CA ASP D 178 12.64 12.33 15.28
C ASP D 178 12.31 11.19 16.26
N ALA D 179 11.28 11.32 17.08
CA ALA D 179 11.01 10.27 18.07
C ALA D 179 9.56 10.24 18.41
N ASP D 180 9.16 9.23 19.18
CA ASP D 180 7.78 9.09 19.61
C ASP D 180 7.49 9.79 20.91
N LEU D 181 8.51 9.93 21.75
CA LEU D 181 8.33 10.48 23.08
C LEU D 181 9.51 11.37 23.44
N TYR D 182 9.17 12.57 23.88
CA TYR D 182 10.17 13.59 24.19
C TYR D 182 10.21 13.83 25.67
N LEU D 183 11.38 13.64 26.27
CA LEU D 183 11.54 13.83 27.72
C LEU D 183 12.33 15.11 27.92
N LEU D 184 11.70 16.17 28.43
CA LEU D 184 12.32 17.48 28.55
C LEU D 184 12.50 17.84 30.03
N ASP D 185 13.73 17.70 30.55
CA ASP D 185 13.97 17.89 31.97
C ASP D 185 14.41 19.33 32.28
N SER D 186 13.49 20.15 32.75
CA SER D 186 13.80 21.48 33.28
C SER D 186 14.58 22.44 32.34
N PRO D 187 14.21 22.56 31.07
CA PRO D 187 14.91 23.51 30.20
C PRO D 187 14.68 24.97 30.66
N PHE D 188 13.61 25.20 31.39
CA PHE D 188 13.15 26.56 31.63
C PHE D 188 13.53 27.09 33.01
N GLY D 189 14.83 27.30 33.20
CA GLY D 189 15.37 27.54 34.51
C GLY D 189 16.25 28.76 34.59
N TYR D 190 16.32 29.58 33.56
CA TYR D 190 17.30 30.66 33.59
C TYR D 190 16.71 32.06 33.76
N LEU D 191 17.57 33.05 33.74
CA LEU D 191 17.19 34.44 33.92
C LEU D 191 16.50 35.11 32.77
N ASP D 192 16.79 34.74 31.52
CA ASP D 192 16.10 35.36 30.38
C ASP D 192 14.69 34.79 30.26
N VAL D 193 13.79 35.27 31.10
CA VAL D 193 12.47 34.67 31.31
C VAL D 193 11.49 34.91 30.16
N PHE D 194 11.61 36.05 29.47
CA PHE D 194 10.81 36.33 28.27
C PHE D 194 11.09 35.43 27.06
N THR D 195 12.34 35.26 26.69
CA THR D 195 12.73 34.16 25.80
C THR D 195 12.15 32.79 26.14
N GLU D 196 12.26 32.38 27.41
CA GLU D 196 11.74 31.08 27.85
C GLU D 196 10.26 30.95 27.58
N GLU D 197 9.50 31.99 27.87
CA GLU D 197 8.06 31.98 27.54
C GLU D 197 7.84 31.83 26.04
N GLN D 198 8.59 32.54 25.21
CA GLN D 198 8.45 32.39 23.75
C GLN D 198 8.82 30.95 23.37
N VAL D 199 9.80 30.34 24.03
CA VAL D 199 10.22 28.99 23.64
C VAL D 199 9.12 28.02 24.06
N PHE D 200 8.61 28.17 25.30
CA PHE D 200 7.50 27.27 25.74
C PHE D 200 6.34 27.29 24.70
N GLU D 201 5.92 28.48 24.34
CA GLU D 201 4.85 28.70 23.32
C GLU D 201 5.16 28.19 21.91
N SER D 202 6.29 28.63 21.35
CA SER D 202 6.57 28.32 19.95
C SER D 202 7.08 26.92 19.76
N CYS D 203 7.86 26.41 20.70
CA CYS D 203 8.43 25.07 20.48
C CYS D 203 7.55 24.03 21.14
N VAL D 204 7.34 24.15 22.46
CA VAL D 204 6.69 23.08 23.20
C VAL D 204 5.18 23.00 22.87
N CYS D 205 4.50 24.15 22.82
CA CYS D 205 3.03 24.13 22.56
C CYS D 205 2.64 24.12 21.06
N LYS D 206 3.35 24.86 20.21
CA LYS D 206 2.94 24.95 18.81
C LYS D 206 3.64 23.93 17.93
N LEU D 207 4.96 24.03 17.78
CA LEU D 207 5.67 23.12 16.89
C LEU D 207 5.40 21.67 17.27
N MET D 208 5.49 21.34 18.56
CA MET D 208 5.34 19.98 19.05
C MET D 208 3.89 19.61 19.50
N ALA D 209 2.93 20.42 19.08
CA ALA D 209 1.54 20.24 19.40
C ALA D 209 1.05 18.82 19.37
N ASN D 210 1.50 18.03 18.39
CA ASN D 210 1.12 16.66 18.16
C ASN D 210 2.14 15.60 18.56
N LYS D 211 3.15 15.97 19.35
CA LYS D 211 4.13 14.97 19.80
C LYS D 211 3.82 14.64 21.20
N THR D 212 4.04 13.40 21.59
CA THR D 212 3.86 13.03 22.99
C THR D 212 5.05 13.58 23.77
N ARG D 213 4.79 14.44 24.76
CA ARG D 213 5.92 15.04 25.46
C ARG D 213 5.77 15.10 26.98
N ILE D 214 6.90 14.99 27.67
CA ILE D 214 6.92 15.17 29.12
C ILE D 214 7.90 16.23 29.49
N LEU D 215 7.37 17.21 30.22
CA LEU D 215 8.11 18.41 30.59
C LEU D 215 8.21 18.48 32.10
N VAL D 216 9.44 18.39 32.63
CA VAL D 216 9.68 18.66 34.04
C VAL D 216 9.85 20.14 34.15
N THR D 217 9.10 20.78 35.03
CA THR D 217 9.10 22.24 35.08
C THR D 217 8.75 22.79 36.48
N SER D 218 9.06 24.06 36.72
CA SER D 218 8.58 24.76 37.91
C SER D 218 7.73 26.02 37.65
N LYS D 219 7.17 26.13 36.43
CA LYS D 219 6.26 27.23 36.10
C LYS D 219 4.81 26.76 36.04
N MET D 220 3.91 27.59 36.57
CA MET D 220 2.48 27.22 36.66
C MET D 220 1.74 27.34 35.32
N GLU D 221 2.19 28.27 34.48
CA GLU D 221 1.69 28.37 33.10
C GLU D 221 1.82 27.03 32.37
N HIS D 222 2.87 26.26 32.63
CA HIS D 222 3.08 24.96 31.93
C HIS D 222 2.11 23.90 32.46
N LEU D 223 1.75 23.99 33.74
CA LEU D 223 0.73 23.11 34.32
C LEU D 223 -0.61 23.46 33.73
N ARG D 224 -0.92 24.75 33.67
CA ARG D 224 -2.17 25.23 33.11
C ARG D 224 -2.37 24.84 31.64
N LYS D 225 -1.27 24.75 30.86
CA LYS D 225 -1.33 24.39 29.45
C LYS D 225 -1.24 22.91 29.23
N ALA D 226 -0.85 22.16 30.25
CA ALA D 226 -0.57 20.75 30.06
C ALA D 226 -1.91 19.99 29.95
N ASP D 227 -1.90 18.84 29.27
CA ASP D 227 -3.08 17.99 29.19
C ASP D 227 -3.20 17.21 30.52
N LYS D 228 -2.06 16.81 31.07
CA LYS D 228 -2.02 16.09 32.34
C LYS D 228 -0.91 16.64 33.25
N ILE D 229 -1.10 16.50 34.57
CA ILE D 229 -0.16 16.99 35.55
C ILE D 229 0.25 15.89 36.53
N LEU D 230 1.53 15.77 36.83
CA LEU D 230 2.00 14.93 37.96
C LEU D 230 2.76 15.81 38.91
N ILE D 231 2.39 15.81 40.19
CA ILE D 231 3.20 16.48 41.23
C ILE D 231 3.82 15.45 42.18
N LEU D 232 5.14 15.55 42.38
CA LEU D 232 5.89 14.58 43.17
C LEU D 232 6.38 15.20 44.50
N HIS D 233 6.34 14.43 45.58
CA HIS D 233 6.92 14.86 46.86
C HIS D 233 7.50 13.65 47.61
N GLN D 234 8.76 13.74 47.99
CA GLN D 234 9.37 12.68 48.78
C GLN D 234 9.16 11.34 48.06
N GLY D 235 9.28 11.36 46.73
CA GLY D 235 9.13 10.15 45.93
C GLY D 235 7.72 9.60 45.77
N SER D 236 6.71 10.37 46.14
CA SER D 236 5.33 9.90 46.03
C SER D 236 4.50 10.87 45.20
N SER D 237 3.45 10.34 44.56
CA SER D 237 2.54 11.13 43.77
C SER D 237 1.60 11.95 44.67
N TYR D 238 1.89 13.23 44.81
CA TYR D 238 1.06 14.14 45.58
C TYR D 238 -0.23 14.45 44.83
N PHE D 239 -0.16 14.44 43.50
CA PHE D 239 -1.34 14.64 42.64
C PHE D 239 -1.08 14.19 41.21
N TYR D 240 -2.06 13.53 40.63
CA TYR D 240 -2.06 13.27 39.21
C TYR D 240 -3.44 13.60 38.66
N GLY D 241 -3.50 14.29 37.52
CA GLY D 241 -4.77 14.69 36.92
C GLY D 241 -4.66 15.93 36.04
N THR D 242 -5.80 16.55 35.76
CA THR D 242 -5.84 17.73 34.90
C THR D 242 -5.67 18.95 35.78
N PHE D 243 -5.49 20.12 35.16
CA PHE D 243 -5.33 21.37 35.89
C PHE D 243 -6.59 21.67 36.67
N SER D 244 -7.72 21.25 36.13
CA SER D 244 -9.02 21.52 36.74
C SER D 244 -9.21 20.67 38.00
N GLU D 245 -8.79 19.42 37.95
CA GLU D 245 -8.78 18.57 39.14
C GLU D 245 -7.85 19.10 40.23
N LEU D 246 -6.74 19.71 39.82
CA LEU D 246 -5.76 20.24 40.74
C LEU D 246 -6.38 21.32 41.60
N GLN D 247 -7.15 22.19 40.97
CA GLN D 247 -7.72 23.34 41.65
C GLN D 247 -8.78 22.91 42.65
N SER D 248 -9.48 21.82 42.36
CA SER D 248 -10.59 21.35 43.18
C SER D 248 -10.19 20.27 44.19
N LEU D 249 -9.32 19.36 43.77
CA LEU D 249 -8.83 18.29 44.64
C LEU D 249 -7.64 18.67 45.50
N ARG D 250 -6.98 19.80 45.18
CA ARG D 250 -5.91 20.35 46.03
C ARG D 250 -6.03 21.87 46.13
N PRO D 251 -7.13 22.37 46.71
CA PRO D 251 -7.41 23.81 46.79
C PRO D 251 -6.37 24.59 47.58
N ASP D 252 -5.70 23.96 48.54
CA ASP D 252 -4.74 24.70 49.34
C ASP D 252 -3.42 24.90 48.56
N PHE D 253 -2.90 23.82 47.98
CA PHE D 253 -1.79 23.93 47.04
C PHE D 253 -2.13 24.99 46.02
N SER D 254 -3.21 24.77 45.28
CA SER D 254 -3.54 25.62 44.17
C SER D 254 -3.70 27.08 44.56
N SER D 255 -4.41 27.33 45.66
CA SER D 255 -4.75 28.69 46.04
C SER D 255 -3.50 29.47 46.43
N LYS D 256 -2.60 28.81 47.14
CA LYS D 256 -1.29 29.41 47.42
C LYS D 256 -0.43 29.63 46.16
N LEU D 257 -0.41 28.68 45.23
CA LEU D 257 0.47 28.80 44.06
C LEU D 257 -0.05 29.72 42.97
N MET D 258 -1.37 29.69 42.74
CA MET D 258 -2.04 30.63 41.84
C MET D 258 -2.30 31.99 42.52
N GLY D 259 -1.82 32.18 43.76
CA GLY D 259 -2.01 33.44 44.44
C GLY D 259 -1.08 34.56 43.99
N TYR D 260 0.04 34.20 43.37
CA TYR D 260 1.09 35.17 43.05
C TYR D 260 0.76 35.92 41.77
N ASP D 261 1.23 37.15 41.63
CA ASP D 261 1.03 37.88 40.37
C ASP D 261 1.91 37.34 39.22
N THR D 262 3.21 37.19 39.49
CA THR D 262 4.13 36.66 38.48
C THR D 262 5.07 35.61 39.03
N PHE D 263 4.51 34.56 39.61
CA PHE D 263 5.30 33.40 40.07
C PHE D 263 6.34 32.92 39.01
N ASP D 264 5.90 32.85 37.74
CA ASP D 264 6.69 32.20 36.70
C ASP D 264 7.93 32.99 36.37
N GLN D 265 7.90 34.27 36.72
CA GLN D 265 9.07 35.13 36.59
C GLN D 265 9.96 35.27 37.81
N PHE D 266 9.68 34.53 38.90
CA PHE D 266 10.68 34.38 39.97
C PHE D 266 11.87 33.51 39.43
N THR D 267 13.04 33.59 40.08
CA THR D 267 14.18 32.77 39.75
C THR D 267 13.77 31.32 39.98
N GLU D 268 14.44 30.40 39.32
CA GLU D 268 14.09 28.99 39.52
C GLU D 268 14.20 28.53 40.99
N GLU D 269 15.19 29.04 41.71
CA GLU D 269 15.39 28.70 43.12
C GLU D 269 14.22 29.14 44.00
N ARG D 270 13.75 30.37 43.84
CA ARG D 270 12.52 30.83 44.48
C ARG D 270 11.27 29.97 44.15
N ARG D 271 11.01 29.73 42.88
CA ARG D 271 9.87 28.89 42.51
C ARG D 271 9.93 27.50 43.18
N SER D 272 11.09 26.87 43.10
CA SER D 272 11.25 25.57 43.75
C SER D 272 11.16 25.57 45.29
N SER D 273 11.61 26.61 45.98
CA SER D 273 11.40 26.70 47.44
C SER D 273 9.95 26.88 47.79
N ILE D 274 9.26 27.74 47.05
CA ILE D 274 7.82 27.90 47.30
C ILE D 274 7.08 26.60 47.09
N LEU D 275 7.40 25.87 46.02
CA LEU D 275 6.77 24.60 45.76
C LEU D 275 7.06 23.59 46.89
N THR D 276 8.34 23.48 47.30
CA THR D 276 8.74 22.62 48.40
C THR D 276 7.98 22.97 49.70
N GLU D 277 8.05 24.24 50.11
CA GLU D 277 7.42 24.69 51.35
C GLU D 277 5.92 24.46 51.36
N THR D 278 5.24 24.80 50.25
CA THR D 278 3.83 24.55 50.09
C THR D 278 3.51 23.04 50.11
N LEU D 279 4.38 22.24 49.50
CA LEU D 279 4.15 20.80 49.49
C LEU D 279 4.33 20.20 50.92
N ARG D 280 5.30 20.68 51.67
CA ARG D 280 5.44 20.23 53.04
C ARG D 280 4.26 20.59 53.91
N ARG D 281 3.66 21.75 53.64
CA ARG D 281 2.59 22.31 54.45
C ARG D 281 1.25 21.65 54.18
N PHE D 282 1.05 21.18 52.96
CA PHE D 282 -0.23 20.56 52.64
C PHE D 282 -0.18 19.06 52.53
N SER D 283 0.02 18.48 53.72
CA SER D 283 -0.33 17.10 54.08
C SER D 283 0.85 16.25 54.58
C ACY E . -12.11 24.81 -7.80
O ACY E . -11.49 23.81 -8.24
OXT ACY E . -12.04 25.96 -8.31
CH3 ACY E . -12.99 24.65 -6.60
C ACY F . -8.20 36.15 -3.18
O ACY F . -8.45 35.75 -4.37
OXT ACY F . -9.03 36.29 -2.27
CH3 ACY F . -6.81 36.46 -2.82
C ACY G . -27.71 -3.83 -30.84
O ACY G . -26.53 -3.97 -31.20
OXT ACY G . -28.08 -2.96 -30.00
CH3 ACY G . -28.71 -4.73 -31.48
C ACY H . -28.83 -55.95 3.30
O ACY H . -28.17 -55.75 4.35
OXT ACY H . -28.38 -56.46 2.25
CH3 ACY H . -30.28 -55.62 3.28
C ACY I . 32.64 28.38 23.33
O ACY I . 32.39 28.97 24.39
OXT ACY I . 32.77 27.13 23.22
CH3 ACY I . 32.76 29.25 22.11
C ACY J . 22.96 36.73 25.51
O ACY J . 21.73 36.80 25.32
OXT ACY J . 23.55 35.83 26.21
CH3 ACY J . 23.75 37.79 24.83
#